data_2YX1
#
_entry.id   2YX1
#
_cell.length_a   62.000
_cell.length_b   69.790
_cell.length_c   87.150
_cell.angle_alpha   90.00
_cell.angle_beta   96.07
_cell.angle_gamma   90.00
#
_symmetry.space_group_name_H-M   'P 1 21 1'
#
loop_
_entity.id
_entity.type
_entity.pdbx_description
1 polymer 'Hypothetical protein MJ0883'
2 non-polymer 'ZINC ION'
3 non-polymer SINEFUNGIN
4 water water
#
_entity_poly.entity_id   1
_entity_poly.type   'polypeptide(L)'
_entity_poly.pdbx_seq_one_letter_code
;(MSE)PLCLKINKKHGEQTRRILIENNLLNKDYKITSEGNYLYLPIKDVDEDILKSILNIEFELVDKELEEKKIIKKPSF
REIISKKYRKEIDEGLISLSYDVVGDLVILQISDEVDEKIRKEIGELAYKLIPCKGVFRRKSEVKGEFRVRELEHLAGEN
RTLTIHKENGYRLWVDIAKVYFSPRLGGERARI(MSE)KKVSLNDVVVD(MSE)FAGVGPFSIACKNAKKIYAIDINPHA
IELLKKNIKLNKLEHKIIPILSDVREVDVKGNRVI(MSE)NLPKFAHKFIDKALDIVEEGGVIHYYTIGKDFDKAIKLFE
KKCDCEVLEKRIVKSYAPREYILALDFKINKK
;
_entity_poly.pdbx_strand_id   A,B
#
loop_
_chem_comp.id
_chem_comp.type
_chem_comp.name
_chem_comp.formula
SFG non-polymer SINEFUNGIN 'C15 H23 N7 O5'
ZN non-polymer 'ZINC ION' 'Zn 2'
#
# COMPACT_ATOMS: atom_id res chain seq x y z
N PRO A 2 6.36 14.64 -3.26
CA PRO A 2 5.62 13.35 -3.29
C PRO A 2 6.55 12.19 -2.92
N LEU A 3 6.36 11.05 -3.59
CA LEU A 3 7.21 9.89 -3.35
C LEU A 3 8.54 10.16 -4.06
N CYS A 4 9.63 9.95 -3.33
CA CYS A 4 10.97 10.19 -3.85
C CYS A 4 11.92 9.02 -3.53
N LEU A 5 12.94 8.84 -4.37
CA LEU A 5 13.93 7.82 -4.12
C LEU A 5 15.12 8.58 -3.55
N LYS A 6 15.46 8.27 -2.31
CA LYS A 6 16.58 8.94 -1.66
C LYS A 6 17.84 8.09 -1.78
N ILE A 7 18.90 8.73 -2.30
CA ILE A 7 20.18 8.05 -2.52
C ILE A 7 21.34 9.01 -2.26
N ASN A 8 22.53 8.46 -2.05
CA ASN A 8 23.71 9.31 -1.85
C ASN A 8 23.96 9.94 -3.21
N LYS A 9 24.17 11.25 -3.25
CA LYS A 9 24.31 11.93 -4.53
C LYS A 9 25.51 11.56 -5.42
N LYS A 10 26.39 10.69 -4.93
CA LYS A 10 27.52 10.29 -5.76
C LYS A 10 27.01 9.38 -6.88
N HIS A 11 25.87 8.76 -6.66
CA HIS A 11 25.25 7.86 -7.63
C HIS A 11 24.20 8.56 -8.52
N GLY A 12 24.02 9.86 -8.29
CA GLY A 12 23.06 10.65 -9.04
C GLY A 12 22.68 10.36 -10.49
N GLU A 13 23.57 10.71 -11.41
CA GLU A 13 23.37 10.52 -12.84
C GLU A 13 23.14 9.07 -13.25
N GLN A 14 23.78 8.16 -12.55
CA GLN A 14 23.64 6.75 -12.88
C GLN A 14 22.22 6.28 -12.53
N THR A 15 21.74 6.65 -11.34
CA THR A 15 20.41 6.28 -10.87
C THR A 15 19.32 6.95 -11.73
N ARG A 16 19.51 8.20 -12.09
CA ARG A 16 18.55 8.92 -12.92
C ARG A 16 18.34 8.19 -14.23
N ARG A 17 19.45 7.82 -14.88
CA ARG A 17 19.39 7.10 -16.14
C ARG A 17 18.64 5.80 -15.95
N ILE A 18 18.97 5.04 -14.90
CA ILE A 18 18.27 3.77 -14.69
C ILE A 18 16.77 3.99 -14.43
N LEU A 19 16.40 5.11 -13.81
CA LEU A 19 14.96 5.35 -13.56
C LEU A 19 14.25 5.74 -14.84
N ILE A 20 14.92 6.51 -15.67
CA ILE A 20 14.34 6.92 -16.93
C ILE A 20 14.13 5.69 -17.82
N GLU A 21 15.13 4.83 -17.98
CA GLU A 21 14.87 3.69 -18.84
C GLU A 21 13.75 2.80 -18.36
N ASN A 22 13.47 2.81 -17.05
CA ASN A 22 12.39 1.98 -16.54
C ASN A 22 11.09 2.74 -16.35
N ASN A 23 10.96 3.90 -16.98
CA ASN A 23 9.74 4.69 -16.89
C ASN A 23 9.32 4.94 -15.44
N LEU A 24 10.30 5.22 -14.57
CA LEU A 24 10.02 5.44 -13.16
C LEU A 24 10.22 6.89 -12.70
N LEU A 25 10.94 7.67 -13.50
CA LEU A 25 11.17 9.08 -13.15
C LEU A 25 9.92 9.90 -13.35
N ASN A 26 9.45 10.53 -12.28
CA ASN A 26 8.27 11.40 -12.34
C ASN A 26 8.82 12.76 -12.80
N LYS A 27 8.69 13.02 -14.09
CA LYS A 27 9.21 14.24 -14.72
C LYS A 27 8.46 15.53 -14.39
N ASP A 28 7.48 15.46 -13.50
CA ASP A 28 6.71 16.65 -13.15
C ASP A 28 7.27 17.33 -11.90
N TYR A 29 8.44 16.89 -11.47
CA TYR A 29 9.07 17.47 -10.32
C TYR A 29 10.55 17.69 -10.55
N LYS A 30 11.18 18.44 -9.67
CA LYS A 30 12.59 18.71 -9.81
C LYS A 30 13.41 17.83 -8.90
N ILE A 31 14.29 17.05 -9.52
CA ILE A 31 15.19 16.22 -8.76
C ILE A 31 15.89 17.26 -7.91
N THR A 32 15.87 17.08 -6.59
CA THR A 32 16.51 18.04 -5.71
C THR A 32 17.61 17.44 -4.84
N SER A 33 18.66 18.25 -4.68
CA SER A 33 19.82 17.85 -3.90
C SER A 33 19.86 18.63 -2.61
N GLU A 34 19.91 17.90 -1.51
CA GLU A 34 19.98 18.49 -0.20
C GLU A 34 21.06 17.79 0.59
N GLY A 35 22.08 18.53 0.98
CA GLY A 35 23.17 17.94 1.72
C GLY A 35 23.89 17.08 0.73
N ASN A 36 24.18 15.85 1.11
CA ASN A 36 24.86 14.95 0.18
C ASN A 36 23.89 13.86 -0.26
N TYR A 37 22.62 14.23 -0.37
CA TYR A 37 21.59 13.31 -0.82
C TYR A 37 20.85 13.89 -1.98
N LEU A 38 20.44 12.98 -2.86
CA LEU A 38 19.70 13.34 -4.05
C LEU A 38 18.32 12.77 -3.84
N TYR A 39 17.31 13.55 -4.22
CA TYR A 39 15.93 13.11 -4.09
C TYR A 39 15.28 13.08 -5.46
N LEU A 40 14.97 11.88 -5.94
CA LEU A 40 14.35 11.77 -7.26
C LEU A 40 12.89 11.40 -7.16
N PRO A 41 12.02 12.25 -7.71
CA PRO A 41 10.57 11.99 -7.68
C PRO A 41 10.33 10.77 -8.55
N ILE A 42 9.69 9.76 -7.98
CA ILE A 42 9.47 8.50 -8.65
C ILE A 42 8.00 8.11 -8.72
N LYS A 43 7.66 7.35 -9.76
CA LYS A 43 6.30 6.89 -9.95
C LYS A 43 6.02 5.74 -8.99
N ASP A 44 4.78 5.29 -8.96
CA ASP A 44 4.36 4.20 -8.08
C ASP A 44 5.25 2.99 -8.23
N VAL A 45 5.99 2.65 -7.18
CA VAL A 45 6.87 1.50 -7.24
C VAL A 45 7.26 1.05 -5.81
N ASP A 46 7.55 -0.22 -5.65
CA ASP A 46 7.93 -0.75 -4.34
C ASP A 46 9.43 -1.01 -4.24
N GLU A 47 9.93 -1.05 -3.02
CA GLU A 47 11.33 -1.26 -2.74
C GLU A 47 11.86 -2.61 -3.22
N ASP A 48 11.03 -3.64 -3.19
CA ASP A 48 11.52 -4.94 -3.59
C ASP A 48 11.98 -5.05 -5.03
N ILE A 49 11.15 -4.58 -5.97
CA ILE A 49 11.54 -4.65 -7.36
C ILE A 49 12.70 -3.72 -7.69
N LEU A 50 12.80 -2.59 -7.00
CA LEU A 50 13.90 -1.66 -7.25
C LEU A 50 15.23 -2.37 -7.01
N LYS A 51 15.25 -3.28 -6.03
CA LYS A 51 16.46 -4.03 -5.71
C LYS A 51 16.93 -4.84 -6.90
N SER A 52 16.03 -5.17 -7.83
CA SER A 52 16.43 -5.94 -9.00
C SER A 52 16.97 -5.04 -10.13
N ILE A 53 16.99 -3.73 -9.93
CA ILE A 53 17.55 -2.82 -10.94
C ILE A 53 18.56 -1.85 -10.33
N LEU A 54 18.83 -1.98 -9.03
CA LEU A 54 19.79 -1.12 -8.32
C LEU A 54 20.57 -1.96 -7.32
N ASN A 55 21.87 -1.68 -7.19
CA ASN A 55 22.74 -2.41 -6.26
C ASN A 55 23.19 -1.51 -5.12
N ILE A 56 22.89 -0.22 -5.26
CA ILE A 56 23.26 0.77 -4.25
C ILE A 56 22.16 0.79 -3.20
N GLU A 57 22.41 1.44 -2.06
CA GLU A 57 21.39 1.51 -1.02
C GLU A 57 20.49 2.71 -1.26
N PHE A 58 19.21 2.56 -0.96
CA PHE A 58 18.25 3.64 -1.15
C PHE A 58 17.09 3.61 -0.16
N GLU A 59 16.31 4.68 -0.20
CA GLU A 59 15.18 4.84 0.68
C GLU A 59 14.06 5.54 -0.09
N LEU A 60 12.85 5.00 0.00
CA LEU A 60 11.70 5.61 -0.64
C LEU A 60 11.10 6.51 0.44
N VAL A 61 10.76 7.75 0.11
CA VAL A 61 10.22 8.68 1.11
C VAL A 61 9.26 9.71 0.53
N ASP A 62 8.58 10.44 1.41
CA ASP A 62 7.63 11.48 1.01
C ASP A 62 8.33 12.83 1.15
N LYS A 63 8.06 13.78 0.24
CA LYS A 63 8.71 15.09 0.35
C LYS A 63 8.22 16.11 -0.66
N GLU A 64 7.98 17.32 -0.19
CA GLU A 64 7.53 18.39 -1.08
C GLU A 64 8.70 18.70 -2.00
N LEU A 65 8.39 18.97 -3.26
CA LEU A 65 9.41 19.30 -4.24
C LEU A 65 8.71 20.24 -5.20
N GLU A 66 9.48 21.10 -5.87
CA GLU A 66 8.87 22.01 -6.83
C GLU A 66 8.75 21.31 -8.18
N GLU A 67 7.98 21.89 -9.09
CA GLU A 67 7.76 21.30 -10.41
C GLU A 67 8.77 21.73 -11.47
N LYS A 68 8.90 20.92 -12.51
CA LYS A 68 9.82 21.23 -13.59
C LYS A 68 9.30 22.43 -14.38
N PRO A 74 -4.05 27.21 -16.75
CA PRO A 74 -4.99 26.14 -17.09
C PRO A 74 -4.29 24.78 -17.09
N SER A 75 -5.05 23.69 -17.28
CA SER A 75 -4.44 22.36 -17.31
C SER A 75 -5.39 21.21 -17.65
N PHE A 76 -6.21 20.85 -16.66
CA PHE A 76 -7.22 19.78 -16.72
C PHE A 76 -7.04 18.88 -15.51
N ARG A 77 -5.88 18.27 -15.45
CA ARG A 77 -5.46 17.40 -14.35
C ARG A 77 -5.47 18.28 -13.11
N GLU A 78 -5.06 19.52 -13.34
CA GLU A 78 -4.99 20.56 -12.34
C GLU A 78 -6.41 20.76 -11.77
N ILE A 79 -7.31 21.21 -12.64
CA ILE A 79 -8.69 21.48 -12.28
C ILE A 79 -9.50 20.28 -11.80
N ILE A 80 -9.55 19.21 -12.58
CA ILE A 80 -10.31 18.05 -12.16
C ILE A 80 -9.89 17.56 -10.79
N SER A 81 -8.59 17.58 -10.55
CA SER A 81 -8.01 17.11 -9.29
C SER A 81 -8.62 17.73 -8.03
N LYS A 82 -9.05 18.98 -8.12
CA LYS A 82 -9.63 19.63 -6.96
C LYS A 82 -11.15 19.51 -6.96
N LYS A 83 -11.76 19.91 -8.07
CA LYS A 83 -13.21 19.87 -8.21
C LYS A 83 -13.82 18.51 -7.87
N TYR A 84 -13.30 17.46 -8.48
CA TYR A 84 -13.84 16.11 -8.25
C TYR A 84 -13.02 15.25 -7.32
N ARG A 85 -12.03 15.85 -6.66
CA ARG A 85 -11.16 15.13 -5.73
C ARG A 85 -11.98 14.18 -4.87
N LYS A 86 -13.23 14.53 -4.64
CA LYS A 86 -14.11 13.70 -3.84
C LYS A 86 -14.11 12.29 -4.41
N GLU A 87 -14.70 12.15 -5.59
CA GLU A 87 -14.80 10.86 -6.27
C GLU A 87 -13.47 10.38 -6.82
N ILE A 88 -12.67 11.30 -7.35
CA ILE A 88 -11.36 10.92 -7.88
C ILE A 88 -10.67 10.17 -6.76
N ASP A 89 -10.64 10.83 -5.61
CA ASP A 89 -10.02 10.31 -4.41
C ASP A 89 -10.43 8.88 -4.13
N GLU A 90 -11.56 8.47 -4.67
CA GLU A 90 -12.05 7.13 -4.42
C GLU A 90 -12.29 6.25 -5.64
N GLY A 91 -11.54 6.50 -6.72
CA GLY A 91 -11.70 5.67 -7.90
C GLY A 91 -12.47 6.29 -9.05
N LEU A 92 -13.80 6.33 -8.93
CA LEU A 92 -14.72 6.89 -9.93
C LEU A 92 -14.05 7.60 -11.11
N ILE A 93 -13.12 8.47 -10.78
CA ILE A 93 -12.40 9.22 -11.77
C ILE A 93 -10.91 9.05 -11.54
N SER A 94 -10.17 8.98 -12.65
CA SER A 94 -8.72 8.85 -12.59
C SER A 94 -8.13 10.09 -13.22
N LEU A 95 -6.94 10.48 -12.80
CA LEU A 95 -6.30 11.67 -13.37
C LEU A 95 -5.56 11.28 -14.63
N SER A 96 -5.38 9.97 -14.82
CA SER A 96 -4.68 9.47 -16.00
C SER A 96 -5.60 9.27 -17.19
N TYR A 97 -5.10 9.68 -18.35
CA TYR A 97 -5.84 9.54 -19.59
C TYR A 97 -4.87 9.28 -20.74
N ASP A 98 -5.40 8.79 -21.87
CA ASP A 98 -4.58 8.51 -23.03
C ASP A 98 -4.97 9.40 -24.20
N VAL A 99 -3.97 9.70 -25.02
CA VAL A 99 -4.18 10.47 -26.22
C VAL A 99 -3.68 9.59 -27.36
N VAL A 100 -4.62 9.09 -28.16
CA VAL A 100 -4.29 8.27 -29.32
C VAL A 100 -4.55 9.19 -30.49
N GLY A 101 -3.49 9.53 -31.22
CA GLY A 101 -3.65 10.43 -32.33
C GLY A 101 -4.41 11.70 -31.99
N ASP A 102 -5.62 11.75 -32.53
CA ASP A 102 -6.56 12.86 -32.46
C ASP A 102 -7.58 12.81 -31.29
N LEU A 103 -7.70 11.65 -30.67
CA LEU A 103 -8.68 11.49 -29.62
C LEU A 103 -8.13 11.34 -28.21
N VAL A 104 -8.97 11.70 -27.24
CA VAL A 104 -8.62 11.62 -25.84
C VAL A 104 -9.52 10.58 -25.22
N ILE A 105 -8.98 9.76 -24.34
CA ILE A 105 -9.78 8.75 -23.68
C ILE A 105 -9.62 8.88 -22.19
N LEU A 106 -10.65 9.38 -21.53
CA LEU A 106 -10.57 9.56 -20.09
C LEU A 106 -10.86 8.24 -19.41
N GLN A 107 -10.50 8.20 -18.14
CA GLN A 107 -10.70 7.02 -17.34
C GLN A 107 -11.76 7.40 -16.31
N ILE A 108 -13.01 7.32 -16.72
CA ILE A 108 -14.11 7.64 -15.82
C ILE A 108 -14.88 6.36 -15.60
N SER A 109 -14.60 5.71 -14.48
CA SER A 109 -15.28 4.49 -14.15
C SER A 109 -16.66 4.95 -13.74
N ASP A 110 -17.51 5.15 -14.74
CA ASP A 110 -18.86 5.63 -14.53
C ASP A 110 -19.61 5.05 -13.34
N GLU A 111 -20.29 5.96 -12.67
CA GLU A 111 -21.12 5.76 -11.49
C GLU A 111 -21.35 7.23 -11.25
N VAL A 112 -20.50 8.01 -11.93
CA VAL A 112 -20.58 9.45 -11.90
C VAL A 112 -21.72 9.71 -12.87
N ASP A 113 -22.58 10.68 -12.55
CA ASP A 113 -23.72 10.98 -13.41
C ASP A 113 -23.32 11.08 -14.87
N GLU A 114 -24.30 11.09 -15.76
CA GLU A 114 -23.99 11.16 -17.16
C GLU A 114 -23.61 12.57 -17.55
N LYS A 115 -24.39 13.55 -17.11
CA LYS A 115 -24.07 14.92 -17.46
C LYS A 115 -22.82 15.37 -16.73
N ILE A 116 -22.42 14.61 -15.72
CA ILE A 116 -21.21 14.94 -14.97
C ILE A 116 -20.05 14.44 -15.85
N ARG A 117 -20.27 13.32 -16.52
CA ARG A 117 -19.29 12.73 -17.43
C ARG A 117 -19.13 13.62 -18.66
N LYS A 118 -20.22 14.24 -19.11
CA LYS A 118 -20.14 15.12 -20.28
C LYS A 118 -19.40 16.40 -19.92
N GLU A 119 -19.49 16.77 -18.64
CA GLU A 119 -18.82 17.98 -18.17
C GLU A 119 -17.32 17.78 -18.16
N ILE A 120 -16.89 16.66 -17.59
CA ILE A 120 -15.48 16.35 -17.57
C ILE A 120 -14.98 16.25 -19.02
N GLY A 121 -15.66 15.43 -19.83
CA GLY A 121 -15.26 15.29 -21.21
C GLY A 121 -15.19 16.65 -21.89
N GLU A 122 -16.16 17.50 -21.57
CA GLU A 122 -16.22 18.85 -22.14
C GLU A 122 -15.03 19.67 -21.70
N LEU A 123 -14.67 19.53 -20.44
CA LEU A 123 -13.53 20.26 -19.91
C LEU A 123 -12.28 19.78 -20.67
N ALA A 124 -12.13 18.46 -20.74
CA ALA A 124 -11.02 17.81 -21.44
C ALA A 124 -10.95 18.30 -22.87
N TYR A 125 -12.11 18.30 -23.53
CA TYR A 125 -12.24 18.74 -24.91
C TYR A 125 -11.77 20.19 -25.04
N LYS A 126 -12.02 20.96 -24.01
CA LYS A 126 -11.67 22.36 -23.99
C LYS A 126 -10.21 22.63 -23.69
N LEU A 127 -9.66 21.93 -22.71
CA LEU A 127 -8.28 22.15 -22.31
C LEU A 127 -7.24 21.29 -23.02
N ILE A 128 -7.68 20.19 -23.63
CA ILE A 128 -6.76 19.30 -24.33
C ILE A 128 -6.96 19.31 -25.83
N PRO A 129 -5.92 19.68 -26.59
CA PRO A 129 -6.01 19.73 -28.05
C PRO A 129 -6.37 18.35 -28.57
N CYS A 130 -7.59 18.23 -29.11
CA CYS A 130 -8.09 16.97 -29.64
C CYS A 130 -9.35 17.28 -30.41
N LYS A 131 -9.88 16.30 -31.12
CA LYS A 131 -11.10 16.50 -31.88
C LYS A 131 -12.23 15.69 -31.29
N GLY A 132 -11.90 14.78 -30.39
CA GLY A 132 -12.92 13.95 -29.78
C GLY A 132 -12.47 13.46 -28.41
N VAL A 133 -13.45 13.19 -27.54
CA VAL A 133 -13.17 12.71 -26.19
C VAL A 133 -14.13 11.60 -25.88
N PHE A 134 -13.60 10.54 -25.26
CA PHE A 134 -14.39 9.37 -24.90
C PHE A 134 -13.91 8.89 -23.55
N ARG A 135 -14.58 7.88 -23.04
CA ARG A 135 -14.17 7.27 -21.78
C ARG A 135 -14.55 5.82 -22.04
N ARG A 136 -14.10 4.88 -21.20
CA ARG A 136 -14.44 3.49 -21.45
C ARG A 136 -15.41 2.83 -20.46
N LYS A 137 -15.88 1.63 -20.85
CA LYS A 137 -16.80 0.78 -20.09
C LYS A 137 -18.04 1.46 -19.53
N ARG A 145 -8.12 -6.15 -23.61
CA ARG A 145 -9.47 -6.34 -24.14
C ARG A 145 -10.00 -5.07 -24.78
N VAL A 146 -10.66 -5.20 -25.93
CA VAL A 146 -11.22 -4.03 -26.59
C VAL A 146 -12.61 -3.78 -26.00
N ARG A 147 -12.77 -2.63 -25.33
CA ARG A 147 -14.04 -2.29 -24.72
C ARG A 147 -14.80 -1.15 -25.41
N GLU A 148 -16.12 -1.17 -25.23
CA GLU A 148 -17.02 -0.17 -25.82
C GLU A 148 -16.74 1.21 -25.24
N LEU A 149 -16.88 2.21 -26.11
CA LEU A 149 -16.60 3.57 -25.71
C LEU A 149 -17.82 4.45 -25.59
N GLU A 150 -17.74 5.42 -24.68
CA GLU A 150 -18.83 6.36 -24.54
C GLU A 150 -18.30 7.70 -24.99
N HIS A 151 -18.97 8.26 -25.98
CA HIS A 151 -18.60 9.56 -26.50
C HIS A 151 -18.96 10.62 -25.44
N LEU A 152 -18.15 11.67 -25.35
CA LEU A 152 -18.37 12.73 -24.37
C LEU A 152 -18.12 14.16 -24.87
N ALA A 153 -17.60 14.32 -26.09
CA ALA A 153 -17.37 15.68 -26.61
C ALA A 153 -16.59 15.70 -27.91
N GLY A 154 -16.71 16.80 -28.65
CA GLY A 154 -16.01 16.93 -29.92
C GLY A 154 -16.49 15.93 -30.95
N GLU A 155 -15.70 15.73 -32.00
CA GLU A 155 -16.03 14.80 -33.06
C GLU A 155 -16.28 13.42 -32.45
N ASN A 156 -17.21 12.68 -33.03
CA ASN A 156 -17.53 11.35 -32.52
C ASN A 156 -16.86 10.25 -33.35
N ARG A 157 -15.71 10.54 -33.95
CA ARG A 157 -15.04 9.53 -34.75
C ARG A 157 -14.00 8.82 -33.91
N THR A 158 -13.98 7.49 -33.98
CA THR A 158 -13.03 6.71 -33.21
C THR A 158 -11.80 6.28 -34.04
N LEU A 159 -11.86 6.56 -35.34
CA LEU A 159 -10.76 6.22 -36.22
C LEU A 159 -9.83 7.44 -36.33
N THR A 160 -8.54 7.22 -36.14
CA THR A 160 -7.57 8.32 -36.19
C THR A 160 -6.20 7.79 -36.55
N ILE A 161 -5.26 8.71 -36.75
CA ILE A 161 -3.89 8.30 -37.03
C ILE A 161 -3.02 8.80 -35.89
N HIS A 162 -2.15 7.91 -35.40
CA HIS A 162 -1.26 8.21 -34.30
C HIS A 162 0.17 8.24 -34.82
N LYS A 163 0.94 9.24 -34.41
CA LYS A 163 2.31 9.37 -34.84
C LYS A 163 3.19 8.97 -33.68
N GLU A 164 4.28 8.24 -33.96
CA GLU A 164 5.24 7.84 -32.92
C GLU A 164 6.50 7.32 -33.62
N ASN A 165 7.64 7.68 -33.07
CA ASN A 165 8.94 7.23 -33.54
C ASN A 165 9.17 7.36 -35.05
N GLY A 166 8.59 8.40 -35.65
CA GLY A 166 8.80 8.61 -37.07
C GLY A 166 7.91 7.83 -38.02
N TYR A 167 6.89 7.16 -37.50
CA TYR A 167 5.99 6.44 -38.40
C TYR A 167 4.56 6.77 -38.07
N ARG A 168 3.63 6.32 -38.89
CA ARG A 168 2.22 6.63 -38.66
C ARG A 168 1.37 5.39 -38.55
N LEU A 169 0.35 5.44 -37.69
CA LEU A 169 -0.52 4.29 -37.43
C LEU A 169 -2.00 4.57 -37.38
N TRP A 170 -2.77 3.97 -38.29
CA TRP A 170 -4.21 4.14 -38.26
C TRP A 170 -4.65 3.30 -37.06
N VAL A 171 -5.58 3.82 -36.29
CA VAL A 171 -6.10 3.11 -35.14
C VAL A 171 -7.58 3.47 -34.99
N ASP A 172 -8.39 2.47 -34.70
CA ASP A 172 -9.78 2.70 -34.45
C ASP A 172 -9.87 2.19 -33.04
N ILE A 173 -9.97 3.13 -32.11
CA ILE A 173 -10.00 2.82 -30.67
C ILE A 173 -11.19 2.05 -30.16
N ALA A 174 -12.21 1.90 -30.99
CA ALA A 174 -13.37 1.14 -30.58
C ALA A 174 -13.22 -0.29 -31.07
N LYS A 175 -12.35 -0.50 -32.05
CA LYS A 175 -12.17 -1.81 -32.65
C LYS A 175 -10.99 -2.67 -32.18
N VAL A 176 -9.86 -2.05 -31.92
CA VAL A 176 -8.67 -2.81 -31.53
C VAL A 176 -8.01 -2.24 -30.29
N TYR A 177 -7.11 -3.01 -29.69
CA TYR A 177 -6.42 -2.49 -28.53
C TYR A 177 -5.14 -1.76 -28.97
N PHE A 178 -4.88 -0.61 -28.36
CA PHE A 178 -3.67 0.13 -28.69
C PHE A 178 -3.28 1.04 -27.54
N SER A 179 -2.04 0.94 -27.09
CA SER A 179 -1.54 1.79 -26.01
C SER A 179 -0.44 2.76 -26.51
N PRO A 180 -0.70 4.06 -26.49
CA PRO A 180 0.34 4.97 -26.95
C PRO A 180 1.53 5.00 -25.98
N ARG A 181 1.29 4.53 -24.76
CA ARG A 181 2.33 4.52 -23.75
C ARG A 181 3.49 3.59 -24.05
N LEU A 182 3.28 2.65 -24.98
CA LEU A 182 4.29 1.68 -25.38
C LEU A 182 5.22 2.18 -26.50
N GLY A 183 5.10 3.46 -26.84
CA GLY A 183 5.95 3.99 -27.90
C GLY A 183 7.40 3.87 -27.53
N GLY A 184 7.71 4.15 -26.26
CA GLY A 184 9.09 4.06 -25.79
C GLY A 184 9.66 2.65 -25.90
N GLU A 185 8.88 1.68 -25.46
CA GLU A 185 9.30 0.30 -25.54
C GLU A 185 9.46 -0.08 -27.05
N ARG A 186 8.57 0.41 -27.91
CA ARG A 186 8.69 0.08 -29.33
C ARG A 186 9.93 0.69 -29.95
N ALA A 187 10.31 1.89 -29.48
CA ALA A 187 11.49 2.54 -30.02
C ALA A 187 12.72 1.76 -29.54
N ARG A 188 12.65 1.18 -28.35
CA ARG A 188 13.79 0.42 -27.81
C ARG A 188 14.07 -0.78 -28.72
N ILE A 189 13.01 -1.48 -29.07
CA ILE A 189 13.15 -2.65 -29.92
C ILE A 189 13.55 -2.28 -31.33
N MSE A 190 12.93 -1.23 -31.85
CA MSE A 190 13.20 -0.72 -33.20
C MSE A 190 14.69 -0.59 -33.52
O MSE A 190 15.14 -0.92 -34.63
CB MSE A 190 12.53 0.64 -33.34
CG MSE A 190 13.00 1.46 -34.54
SE MSE A 190 11.93 3.11 -34.76
CE MSE A 190 10.96 2.57 -36.33
N LYS A 191 15.46 -0.12 -32.54
CA LYS A 191 16.89 0.10 -32.72
C LYS A 191 17.75 -1.17 -32.63
N LYS A 192 17.21 -2.23 -32.02
CA LYS A 192 17.99 -3.46 -31.88
C LYS A 192 17.87 -4.33 -33.10
N VAL A 193 16.92 -4.02 -33.97
CA VAL A 193 16.68 -4.85 -35.14
C VAL A 193 17.76 -4.79 -36.23
N SER A 194 18.25 -5.95 -36.65
CA SER A 194 19.29 -6.00 -37.68
C SER A 194 18.72 -6.29 -39.07
N LEU A 195 19.46 -5.84 -40.08
CA LEU A 195 19.04 -5.99 -41.47
C LEU A 195 18.67 -7.38 -41.94
N ASN A 196 19.31 -8.39 -41.39
CA ASN A 196 19.02 -9.73 -41.85
C ASN A 196 17.97 -10.42 -41.01
N ASP A 197 17.43 -9.72 -40.01
CA ASP A 197 16.42 -10.34 -39.16
C ASP A 197 15.12 -10.65 -39.91
N VAL A 198 14.45 -11.72 -39.45
CA VAL A 198 13.13 -12.09 -39.91
C VAL A 198 12.38 -12.07 -38.57
N VAL A 199 11.42 -11.16 -38.44
CA VAL A 199 10.63 -10.95 -37.24
C VAL A 199 9.23 -11.57 -37.28
N VAL A 200 8.83 -12.15 -36.14
CA VAL A 200 7.49 -12.71 -36.02
C VAL A 200 6.82 -11.93 -34.89
N ASP A 201 5.84 -11.11 -35.25
CA ASP A 201 5.10 -10.28 -34.29
C ASP A 201 3.87 -11.13 -34.00
N MSE A 202 3.97 -11.94 -32.94
CA MSE A 202 2.88 -12.85 -32.59
C MSE A 202 1.49 -12.28 -32.36
O MSE A 202 0.50 -12.90 -32.78
CB MSE A 202 3.28 -13.71 -31.40
CG MSE A 202 4.33 -14.74 -31.75
SE MSE A 202 4.94 -15.80 -30.24
CE MSE A 202 6.27 -16.82 -31.18
N PHE A 203 1.41 -11.12 -31.70
CA PHE A 203 0.13 -10.44 -31.39
C PHE A 203 0.30 -9.01 -31.88
N ALA A 204 0.17 -8.82 -33.18
CA ALA A 204 0.44 -7.52 -33.78
C ALA A 204 -0.51 -6.34 -33.66
N GLY A 205 -1.76 -6.57 -33.28
CA GLY A 205 -2.71 -5.45 -33.24
C GLY A 205 -2.69 -4.78 -34.62
N VAL A 206 -2.63 -3.46 -34.65
CA VAL A 206 -2.62 -2.77 -35.93
C VAL A 206 -1.20 -2.68 -36.51
N GLY A 207 -0.27 -3.42 -35.90
CA GLY A 207 1.10 -3.43 -36.39
C GLY A 207 2.19 -2.51 -35.79
N PRO A 208 2.01 -1.94 -34.59
CA PRO A 208 3.05 -1.06 -34.03
C PRO A 208 4.48 -1.63 -33.95
N PHE A 209 4.65 -2.85 -33.42
CA PHE A 209 5.99 -3.42 -33.33
C PHE A 209 6.50 -3.79 -34.72
N SER A 210 5.58 -4.23 -35.57
CA SER A 210 5.94 -4.60 -36.91
C SER A 210 6.47 -3.41 -37.73
N ILE A 211 5.79 -2.25 -37.66
CA ILE A 211 6.25 -1.08 -38.39
C ILE A 211 7.60 -0.69 -37.76
N ALA A 212 7.65 -0.71 -36.43
CA ALA A 212 8.87 -0.36 -35.70
C ALA A 212 10.08 -1.20 -36.10
N CYS A 213 9.85 -2.45 -36.45
CA CYS A 213 10.90 -3.39 -36.86
C CYS A 213 11.25 -3.32 -38.36
N LYS A 214 10.91 -2.21 -39.01
CA LYS A 214 11.13 -2.03 -40.44
C LYS A 214 12.56 -2.25 -40.96
N ASN A 215 13.54 -2.31 -40.09
CA ASN A 215 14.92 -2.54 -40.51
C ASN A 215 15.16 -4.00 -40.92
N ALA A 216 14.25 -4.89 -40.50
CA ALA A 216 14.37 -6.30 -40.81
C ALA A 216 14.05 -6.56 -42.28
N LYS A 217 14.43 -7.71 -42.79
CA LYS A 217 14.18 -7.98 -44.19
C LYS A 217 12.81 -8.57 -44.39
N LYS A 218 12.26 -9.19 -43.36
CA LYS A 218 10.92 -9.75 -43.47
C LYS A 218 10.28 -9.77 -42.10
N ILE A 219 9.00 -9.46 -42.06
CA ILE A 219 8.24 -9.45 -40.81
C ILE A 219 6.88 -10.14 -41.01
N TYR A 220 6.52 -11.03 -40.09
CA TYR A 220 5.21 -11.71 -40.11
C TYR A 220 4.38 -11.06 -38.99
N ALA A 221 3.30 -10.36 -39.35
CA ALA A 221 2.46 -9.70 -38.34
C ALA A 221 1.17 -10.49 -38.22
N ILE A 222 0.97 -11.10 -37.07
CA ILE A 222 -0.17 -11.95 -36.83
C ILE A 222 -1.18 -11.46 -35.80
N ASP A 223 -2.45 -11.60 -36.08
CA ASP A 223 -3.43 -11.22 -35.09
C ASP A 223 -4.69 -11.96 -35.44
N ILE A 224 -5.46 -12.28 -34.40
CA ILE A 224 -6.73 -13.01 -34.52
C ILE A 224 -7.97 -12.09 -34.73
N ASN A 225 -7.80 -10.78 -34.54
CA ASN A 225 -8.89 -9.82 -34.70
C ASN A 225 -8.79 -9.27 -36.13
N PRO A 226 -9.81 -9.51 -36.96
CA PRO A 226 -9.84 -9.05 -38.35
C PRO A 226 -9.82 -7.55 -38.60
N HIS A 227 -10.36 -6.78 -37.67
CA HIS A 227 -10.36 -5.33 -37.87
C HIS A 227 -8.92 -4.88 -37.63
N ALA A 228 -8.26 -5.54 -36.68
CA ALA A 228 -6.87 -5.26 -36.36
C ALA A 228 -6.07 -5.50 -37.63
N ILE A 229 -6.35 -6.62 -38.29
CA ILE A 229 -5.65 -6.95 -39.53
C ILE A 229 -5.99 -5.94 -40.62
N GLU A 230 -7.19 -5.38 -40.59
CA GLU A 230 -7.53 -4.39 -41.59
C GLU A 230 -6.71 -3.12 -41.40
N LEU A 231 -6.55 -2.70 -40.14
CA LEU A 231 -5.75 -1.51 -39.85
C LEU A 231 -4.27 -1.80 -40.16
N LEU A 232 -3.82 -3.01 -39.82
CA LEU A 232 -2.44 -3.43 -40.09
C LEU A 232 -2.11 -3.20 -41.58
N LYS A 233 -2.99 -3.71 -42.46
CA LYS A 233 -2.79 -3.60 -43.91
C LYS A 233 -2.73 -2.14 -44.35
N LYS A 234 -3.65 -1.32 -43.83
CA LYS A 234 -3.62 0.11 -44.14
C LYS A 234 -2.28 0.71 -43.67
N ASN A 235 -1.79 0.23 -42.53
CA ASN A 235 -0.55 0.76 -42.00
C ASN A 235 0.65 0.26 -42.75
N ILE A 236 0.60 -0.98 -43.23
CA ILE A 236 1.72 -1.48 -44.02
C ILE A 236 1.86 -0.61 -45.29
N LYS A 237 0.73 -0.23 -45.89
CA LYS A 237 0.78 0.59 -47.11
C LYS A 237 1.22 1.99 -46.81
N LEU A 238 0.61 2.60 -45.81
CA LEU A 238 0.97 3.97 -45.45
C LEU A 238 2.45 4.15 -45.20
N ASN A 239 3.08 3.16 -44.59
CA ASN A 239 4.50 3.25 -44.28
C ASN A 239 5.36 2.64 -45.36
N LYS A 240 4.71 2.24 -46.45
CA LYS A 240 5.37 1.65 -47.62
C LYS A 240 6.20 0.42 -47.28
N LEU A 241 5.60 -0.54 -46.59
CA LEU A 241 6.31 -1.76 -46.19
C LEU A 241 5.59 -3.03 -46.69
N GLU A 242 4.90 -2.91 -47.83
CA GLU A 242 4.16 -4.00 -48.44
C GLU A 242 5.02 -5.16 -48.93
N HIS A 243 6.29 -4.91 -49.18
CA HIS A 243 7.15 -6.02 -49.63
C HIS A 243 8.11 -6.44 -48.52
N LYS A 244 7.69 -6.15 -47.30
CA LYS A 244 8.46 -6.43 -46.08
C LYS A 244 7.62 -7.20 -45.05
N ILE A 245 6.45 -6.65 -44.73
CA ILE A 245 5.53 -7.19 -43.73
C ILE A 245 4.38 -8.01 -44.30
N ILE A 246 4.27 -9.24 -43.79
CA ILE A 246 3.19 -10.12 -44.22
C ILE A 246 2.11 -10.21 -43.14
N PRO A 247 0.94 -9.66 -43.42
CA PRO A 247 -0.19 -9.67 -42.48
C PRO A 247 -0.86 -11.04 -42.43
N ILE A 248 -1.16 -11.51 -41.23
CA ILE A 248 -1.76 -12.81 -41.06
C ILE A 248 -2.93 -12.87 -40.07
N LEU A 249 -4.12 -13.12 -40.63
CA LEU A 249 -5.34 -13.24 -39.82
C LEU A 249 -5.46 -14.69 -39.34
N SER A 250 -5.25 -14.89 -38.05
CA SER A 250 -5.32 -16.23 -37.48
C SER A 250 -4.95 -16.23 -36.03
N ASP A 251 -5.23 -17.35 -35.36
CA ASP A 251 -4.82 -17.53 -33.98
C ASP A 251 -3.36 -17.86 -34.21
N VAL A 252 -2.46 -17.21 -33.50
CA VAL A 252 -1.04 -17.47 -33.71
C VAL A 252 -0.65 -18.95 -33.49
N ARG A 253 -1.43 -19.68 -32.70
CA ARG A 253 -1.11 -21.08 -32.47
C ARG A 253 -1.17 -21.92 -33.73
N GLU A 254 -1.99 -21.50 -34.70
CA GLU A 254 -2.12 -22.25 -35.94
C GLU A 254 -1.17 -21.81 -37.05
N VAL A 255 -0.33 -20.81 -36.79
CA VAL A 255 0.56 -20.34 -37.83
C VAL A 255 1.91 -21.04 -37.80
N ASP A 256 2.38 -21.41 -38.97
CA ASP A 256 3.67 -22.06 -39.08
C ASP A 256 4.66 -21.15 -39.79
N VAL A 257 5.43 -20.40 -39.02
CA VAL A 257 6.43 -19.53 -39.61
C VAL A 257 7.66 -19.64 -38.73
N LYS A 258 8.76 -19.12 -39.22
CA LYS A 258 10.01 -19.16 -38.48
C LYS A 258 10.66 -17.77 -38.47
N GLY A 259 11.38 -17.46 -37.40
CA GLY A 259 12.06 -16.19 -37.34
C GLY A 259 13.14 -16.18 -36.29
N ASN A 260 14.02 -15.18 -36.31
CA ASN A 260 15.08 -15.08 -35.33
C ASN A 260 14.75 -14.02 -34.27
N ARG A 261 13.70 -13.24 -34.51
CA ARG A 261 13.26 -12.23 -33.54
C ARG A 261 11.76 -12.41 -33.38
N VAL A 262 11.36 -12.77 -32.19
CA VAL A 262 9.97 -13.05 -31.91
C VAL A 262 9.45 -12.14 -30.80
N ILE A 263 8.34 -11.45 -31.10
CA ILE A 263 7.70 -10.51 -30.18
C ILE A 263 6.43 -11.05 -29.56
N MSE A 264 6.35 -10.97 -28.24
CA MSE A 264 5.16 -11.49 -27.51
C MSE A 264 4.45 -10.43 -26.68
O MSE A 264 4.35 -10.54 -25.46
CB MSE A 264 5.59 -12.60 -26.57
CG MSE A 264 6.35 -13.72 -27.24
SE MSE A 264 6.64 -15.18 -25.96
CE MSE A 264 4.82 -15.96 -25.88
N ASN A 265 3.93 -9.42 -27.36
CA ASN A 265 3.24 -8.32 -26.69
C ASN A 265 1.80 -8.63 -26.23
N LEU A 266 1.64 -9.55 -25.28
CA LEU A 266 0.33 -9.95 -24.73
C LEU A 266 0.63 -10.23 -23.24
N PRO A 267 0.87 -9.17 -22.46
CA PRO A 267 1.21 -9.23 -21.04
C PRO A 267 0.48 -10.19 -20.11
N LYS A 268 -0.84 -10.17 -20.13
CA LYS A 268 -1.56 -11.03 -19.21
C LYS A 268 -1.52 -12.51 -19.53
N PHE A 269 -1.32 -12.86 -20.80
CA PHE A 269 -1.31 -14.27 -21.17
C PHE A 269 -0.11 -14.79 -21.94
N ALA A 270 0.90 -13.96 -22.15
CA ALA A 270 2.06 -14.42 -22.91
C ALA A 270 2.59 -15.73 -22.36
N HIS A 271 2.63 -15.87 -21.04
CA HIS A 271 3.14 -17.12 -20.44
C HIS A 271 2.50 -18.38 -21.00
N LYS A 272 1.28 -18.30 -21.52
CA LYS A 272 0.63 -19.48 -22.07
C LYS A 272 1.03 -19.78 -23.52
N PHE A 273 1.86 -18.92 -24.09
CA PHE A 273 2.25 -19.10 -25.48
C PHE A 273 3.74 -19.34 -25.69
N ILE A 274 4.49 -19.52 -24.61
CA ILE A 274 5.93 -19.72 -24.70
C ILE A 274 6.34 -20.94 -25.53
N ASP A 275 5.59 -22.03 -25.42
CA ASP A 275 5.96 -23.23 -26.19
C ASP A 275 5.85 -22.91 -27.67
N LYS A 276 4.77 -22.24 -28.08
CA LYS A 276 4.62 -21.88 -29.49
C LYS A 276 5.76 -20.95 -29.90
N ALA A 277 6.06 -19.97 -29.06
CA ALA A 277 7.15 -19.03 -29.36
C ALA A 277 8.50 -19.74 -29.58
N LEU A 278 8.84 -20.70 -28.72
CA LEU A 278 10.10 -21.44 -28.84
C LEU A 278 10.11 -22.28 -30.12
N ASP A 279 8.92 -22.61 -30.61
CA ASP A 279 8.83 -23.39 -31.84
C ASP A 279 9.08 -22.47 -33.05
N ILE A 280 8.69 -21.22 -32.93
CA ILE A 280 8.88 -20.27 -34.02
C ILE A 280 10.33 -19.79 -34.10
N VAL A 281 10.88 -19.47 -32.95
CA VAL A 281 12.23 -18.94 -32.85
C VAL A 281 13.33 -19.93 -33.27
N GLU A 282 14.31 -19.41 -33.99
CA GLU A 282 15.46 -20.21 -34.45
C GLU A 282 16.48 -20.10 -33.33
N GLU A 283 17.28 -21.14 -33.12
CA GLU A 283 18.27 -21.09 -32.04
C GLU A 283 19.22 -19.94 -32.29
N GLY A 284 19.61 -19.27 -31.21
CA GLY A 284 20.50 -18.14 -31.33
C GLY A 284 19.67 -16.88 -31.55
N GLY A 285 18.37 -17.06 -31.66
CA GLY A 285 17.50 -15.94 -31.88
C GLY A 285 17.04 -15.31 -30.60
N VAL A 286 16.19 -14.31 -30.71
CA VAL A 286 15.69 -13.60 -29.55
C VAL A 286 14.16 -13.54 -29.43
N ILE A 287 13.67 -13.63 -28.19
CA ILE A 287 12.26 -13.50 -27.88
C ILE A 287 12.08 -12.29 -26.96
N HIS A 288 11.22 -11.35 -27.36
CA HIS A 288 10.92 -10.16 -26.57
C HIS A 288 9.62 -10.52 -25.85
N TYR A 289 9.74 -10.86 -24.59
CA TYR A 289 8.61 -11.29 -23.77
C TYR A 289 8.02 -10.16 -22.94
N TYR A 290 6.69 -10.08 -22.92
CA TYR A 290 5.98 -9.09 -22.12
C TYR A 290 5.07 -9.85 -21.15
N THR A 291 5.08 -9.43 -19.90
CA THR A 291 4.32 -10.09 -18.85
C THR A 291 3.96 -9.11 -17.74
N ILE A 292 3.11 -9.58 -16.83
CA ILE A 292 2.71 -8.81 -15.68
C ILE A 292 3.37 -9.53 -14.49
N GLY A 293 3.89 -8.77 -13.53
CA GLY A 293 4.53 -9.38 -12.38
C GLY A 293 4.93 -8.42 -11.26
N LYS A 294 5.32 -8.95 -10.10
CA LYS A 294 5.75 -8.10 -9.00
C LYS A 294 7.25 -7.87 -9.20
N ASP A 295 7.83 -8.68 -10.07
CA ASP A 295 9.25 -8.56 -10.43
C ASP A 295 9.56 -9.51 -11.58
N PHE A 296 10.83 -9.60 -11.94
CA PHE A 296 11.31 -10.44 -13.06
C PHE A 296 11.53 -11.95 -12.82
N ASP A 297 11.61 -12.36 -11.56
CA ASP A 297 11.89 -13.74 -11.19
C ASP A 297 11.06 -14.84 -11.85
N LYS A 298 9.75 -14.73 -11.76
CA LYS A 298 8.83 -15.71 -12.36
C LYS A 298 9.07 -15.98 -13.85
N ALA A 299 9.18 -14.90 -14.62
CA ALA A 299 9.40 -15.00 -16.06
C ALA A 299 10.72 -15.69 -16.38
N ILE A 300 11.76 -15.30 -15.65
CA ILE A 300 13.07 -15.91 -15.85
C ILE A 300 12.99 -17.41 -15.60
N LYS A 301 12.36 -17.79 -14.50
CA LYS A 301 12.22 -19.20 -14.17
C LYS A 301 11.44 -19.98 -15.24
N LEU A 302 10.34 -19.42 -15.74
CA LEU A 302 9.56 -20.10 -16.77
C LEU A 302 10.43 -20.40 -17.97
N PHE A 303 11.20 -19.39 -18.41
CA PHE A 303 12.10 -19.57 -19.55
C PHE A 303 13.28 -20.49 -19.25
N GLU A 304 13.88 -20.38 -18.07
CA GLU A 304 15.01 -21.25 -17.76
C GLU A 304 14.64 -22.72 -17.78
N LYS A 305 13.42 -23.04 -17.38
CA LYS A 305 13.00 -24.43 -17.38
C LYS A 305 12.62 -24.93 -18.78
N LYS A 306 12.21 -24.02 -19.65
CA LYS A 306 11.83 -24.41 -21.01
C LYS A 306 12.97 -24.50 -22.02
N CYS A 307 14.10 -23.86 -21.74
CA CYS A 307 15.19 -23.92 -22.70
C CYS A 307 16.43 -23.28 -22.08
N ASP A 308 17.54 -23.34 -22.80
CA ASP A 308 18.77 -22.71 -22.32
C ASP A 308 18.78 -21.29 -22.91
N CYS A 309 18.67 -20.30 -22.04
CA CYS A 309 18.60 -18.91 -22.49
C CYS A 309 19.29 -17.89 -21.58
N GLU A 310 19.48 -16.71 -22.12
CA GLU A 310 20.10 -15.63 -21.37
C GLU A 310 19.28 -14.35 -21.54
N VAL A 311 19.14 -13.61 -20.44
CA VAL A 311 18.44 -12.36 -20.46
C VAL A 311 19.43 -11.34 -21.03
N LEU A 312 19.02 -10.53 -22.01
CA LEU A 312 19.92 -9.55 -22.59
C LEU A 312 19.68 -8.14 -22.05
N GLU A 313 18.43 -7.85 -21.73
CA GLU A 313 18.03 -6.54 -21.24
C GLU A 313 16.63 -6.79 -20.65
N LYS A 314 16.25 -6.04 -19.64
CA LYS A 314 14.92 -6.21 -19.04
C LYS A 314 14.55 -4.82 -18.63
N ARG A 315 13.25 -4.52 -18.64
CA ARG A 315 12.78 -3.19 -18.32
C ARG A 315 11.42 -3.25 -17.67
N ILE A 316 11.15 -2.31 -16.78
CA ILE A 316 9.81 -2.20 -16.24
C ILE A 316 9.21 -1.27 -17.31
N VAL A 317 8.02 -1.63 -17.81
CA VAL A 317 7.36 -0.85 -18.85
C VAL A 317 6.42 0.19 -18.25
N LYS A 318 5.52 -0.24 -17.37
CA LYS A 318 4.60 0.67 -16.71
C LYS A 318 3.92 -0.08 -15.59
N SER A 319 3.21 0.66 -14.74
CA SER A 319 2.50 0.08 -13.61
C SER A 319 1.19 -0.54 -14.06
N TYR A 320 0.75 -1.54 -13.31
CA TYR A 320 -0.49 -2.24 -13.61
C TYR A 320 -1.45 -2.11 -12.43
N ALA A 321 -0.87 -2.10 -11.23
CA ALA A 321 -1.60 -1.99 -9.98
C ALA A 321 -0.49 -2.06 -8.94
N PRO A 322 -0.83 -1.79 -7.67
CA PRO A 322 0.23 -1.86 -6.64
C PRO A 322 1.04 -3.16 -6.68
N ARG A 323 2.36 -3.03 -6.64
CA ARG A 323 3.27 -4.17 -6.65
C ARG A 323 3.05 -5.07 -7.86
N GLU A 324 2.44 -4.50 -8.89
CA GLU A 324 2.18 -5.23 -10.14
C GLU A 324 2.54 -4.37 -11.34
N TYR A 325 3.40 -4.90 -12.20
CA TYR A 325 3.89 -4.16 -13.34
C TYR A 325 3.92 -4.95 -14.64
N ILE A 326 3.92 -4.22 -15.74
CA ILE A 326 4.06 -4.85 -17.04
C ILE A 326 5.57 -4.80 -17.26
N LEU A 327 6.14 -5.97 -17.49
CA LEU A 327 7.58 -6.09 -17.67
C LEU A 327 7.97 -6.60 -19.05
N ALA A 328 9.16 -6.24 -19.45
CA ALA A 328 9.72 -6.67 -20.72
C ALA A 328 11.04 -7.37 -20.43
N LEU A 329 11.32 -8.42 -21.17
CA LEU A 329 12.57 -9.15 -21.03
C LEU A 329 12.96 -9.61 -22.40
N ASP A 330 14.23 -9.40 -22.79
CA ASP A 330 14.70 -9.91 -24.09
C ASP A 330 15.52 -11.17 -23.75
N PHE A 331 15.03 -12.33 -24.18
CA PHE A 331 15.71 -13.59 -23.91
C PHE A 331 16.44 -14.12 -25.12
N LYS A 332 17.73 -14.39 -25.01
CA LYS A 332 18.43 -14.97 -26.13
C LYS A 332 18.26 -16.49 -25.93
N ILE A 333 17.79 -17.17 -26.97
CA ILE A 333 17.53 -18.61 -26.95
C ILE A 333 18.74 -19.36 -27.53
N ASN A 334 19.58 -19.89 -26.65
CA ASN A 334 20.79 -20.59 -27.07
C ASN A 334 20.54 -22.01 -27.61
N LYS A 335 19.74 -22.79 -26.91
CA LYS A 335 19.39 -24.11 -27.45
C LYS A 335 18.01 -24.46 -26.94
N LYS A 336 17.22 -25.13 -27.78
CA LYS A 336 15.86 -25.49 -27.40
C LYS A 336 15.74 -26.92 -26.86
N PRO B 2 -9.14 -25.34 21.90
CA PRO B 2 -8.70 -24.15 22.68
C PRO B 2 -9.88 -23.62 23.49
N LEU B 3 -9.65 -22.57 24.28
CA LEU B 3 -10.70 -21.98 25.08
C LEU B 3 -11.73 -21.34 24.16
N CYS B 4 -12.99 -21.72 24.32
CA CYS B 4 -14.05 -21.18 23.49
C CYS B 4 -15.17 -20.56 24.28
N LEU B 5 -15.91 -19.67 23.63
CA LEU B 5 -17.06 -19.08 24.26
C LEU B 5 -18.25 -19.75 23.57
N LYS B 6 -19.11 -20.40 24.35
CA LYS B 6 -20.29 -21.08 23.79
C LYS B 6 -21.56 -20.29 24.05
N ILE B 7 -22.29 -20.02 22.98
CA ILE B 7 -23.51 -19.23 23.08
C ILE B 7 -24.55 -19.74 22.09
N ASN B 8 -25.80 -19.35 22.30
CA ASN B 8 -26.84 -19.75 21.34
C ASN B 8 -26.51 -19.03 20.02
N LYS B 9 -26.53 -19.79 18.93
CA LYS B 9 -26.23 -19.32 17.58
C LYS B 9 -26.91 -18.00 17.16
N LYS B 10 -28.07 -17.72 17.76
CA LYS B 10 -28.82 -16.50 17.44
C LYS B 10 -28.18 -15.21 17.89
N HIS B 11 -27.10 -15.28 18.67
CA HIS B 11 -26.40 -14.08 19.12
C HIS B 11 -25.03 -14.00 18.44
N GLY B 12 -24.79 -14.92 17.51
CA GLY B 12 -23.52 -15.01 16.81
C GLY B 12 -22.81 -13.73 16.37
N GLU B 13 -23.36 -13.05 15.37
CA GLU B 13 -22.74 -11.83 14.86
C GLU B 13 -22.63 -10.72 15.90
N GLN B 14 -23.63 -10.61 16.76
CA GLN B 14 -23.63 -9.61 17.81
C GLN B 14 -22.46 -9.82 18.79
N THR B 15 -22.26 -11.07 19.20
CA THR B 15 -21.21 -11.40 20.16
C THR B 15 -19.84 -11.25 19.51
N ARG B 16 -19.71 -11.69 18.27
CA ARG B 16 -18.45 -11.59 17.56
C ARG B 16 -18.00 -10.13 17.47
N ARG B 17 -18.93 -9.24 17.12
CA ARG B 17 -18.66 -7.83 17.02
C ARG B 17 -18.18 -7.32 18.38
N ILE B 18 -18.77 -7.81 19.46
CA ILE B 18 -18.38 -7.36 20.79
C ILE B 18 -17.01 -7.91 21.19
N LEU B 19 -16.76 -9.19 20.92
CA LEU B 19 -15.46 -9.75 21.25
C LEU B 19 -14.36 -9.02 20.52
N ILE B 20 -14.64 -8.62 19.27
CA ILE B 20 -13.66 -7.87 18.49
C ILE B 20 -13.40 -6.48 19.10
N GLU B 21 -14.48 -5.78 19.48
CA GLU B 21 -14.33 -4.46 20.08
C GLU B 21 -13.49 -4.51 21.36
N ASN B 22 -13.56 -5.64 22.05
CA ASN B 22 -12.85 -5.82 23.31
C ASN B 22 -11.56 -6.64 23.19
N ASN B 23 -11.09 -6.82 21.95
CA ASN B 23 -9.86 -7.57 21.66
C ASN B 23 -9.81 -8.95 22.37
N LEU B 24 -10.88 -9.74 22.21
CA LEU B 24 -10.93 -11.04 22.86
C LEU B 24 -11.00 -12.20 21.88
N LEU B 25 -11.33 -11.90 20.64
CA LEU B 25 -11.46 -12.94 19.65
C LEU B 25 -10.09 -13.49 19.30
N ASN B 26 -9.95 -14.81 19.46
CA ASN B 26 -8.70 -15.51 19.14
C ASN B 26 -8.81 -15.80 17.64
N LYS B 27 -7.95 -15.16 16.86
CA LYS B 27 -7.95 -15.28 15.41
C LYS B 27 -7.32 -16.53 14.82
N ASP B 28 -6.66 -17.34 15.64
CA ASP B 28 -6.01 -18.55 15.14
C ASP B 28 -6.97 -19.68 14.82
N TYR B 29 -8.21 -19.60 15.31
CA TYR B 29 -9.19 -20.64 15.02
C TYR B 29 -10.43 -20.07 14.37
N LYS B 30 -11.18 -20.95 13.70
CA LYS B 30 -12.41 -20.56 13.03
C LYS B 30 -13.59 -20.74 13.96
N ILE B 31 -14.55 -19.82 13.90
CA ILE B 31 -15.74 -19.92 14.72
C ILE B 31 -16.46 -21.19 14.26
N THR B 32 -16.97 -21.96 15.21
CA THR B 32 -17.62 -23.20 14.85
C THR B 32 -19.06 -23.24 15.29
N SER B 33 -19.91 -23.73 14.38
CA SER B 33 -21.33 -23.84 14.66
C SER B 33 -21.65 -25.31 14.79
N GLU B 34 -22.43 -25.66 15.83
CA GLU B 34 -22.84 -27.05 16.04
C GLU B 34 -24.30 -26.99 16.49
N GLY B 35 -25.18 -27.29 15.55
CA GLY B 35 -26.59 -27.24 15.84
C GLY B 35 -26.95 -25.78 16.09
N ASN B 36 -27.63 -25.51 17.20
CA ASN B 36 -28.01 -24.14 17.53
C ASN B 36 -26.97 -23.45 18.38
N TYR B 37 -25.74 -23.92 18.36
CA TYR B 37 -24.75 -23.28 19.20
C TYR B 37 -23.51 -22.87 18.46
N LEU B 38 -22.89 -21.80 18.94
CA LEU B 38 -21.68 -21.30 18.34
C LEU B 38 -20.59 -21.29 19.38
N TYR B 39 -19.40 -21.69 18.93
CA TYR B 39 -18.20 -21.74 19.75
C TYR B 39 -17.24 -20.74 19.14
N LEU B 40 -16.98 -19.66 19.87
CA LEU B 40 -16.07 -18.63 19.40
C LEU B 40 -14.76 -18.70 20.17
N PRO B 41 -13.69 -19.11 19.49
CA PRO B 41 -12.39 -19.19 20.16
C PRO B 41 -12.13 -17.82 20.77
N ILE B 42 -11.74 -17.80 22.04
CA ILE B 42 -11.55 -16.56 22.78
C ILE B 42 -10.22 -16.52 23.52
N LYS B 43 -9.70 -15.33 23.77
CA LYS B 43 -8.44 -15.21 24.51
C LYS B 43 -8.79 -15.44 25.98
N ASP B 44 -7.75 -15.60 26.81
CA ASP B 44 -7.95 -15.86 28.23
C ASP B 44 -8.64 -14.69 28.95
N VAL B 45 -9.84 -14.95 29.45
CA VAL B 45 -10.60 -13.93 30.15
C VAL B 45 -11.57 -14.65 31.11
N ASP B 46 -11.83 -14.07 32.27
CA ASP B 46 -12.73 -14.73 33.21
C ASP B 46 -14.20 -14.51 32.89
N GLU B 47 -15.05 -15.38 33.44
CA GLU B 47 -16.48 -15.28 33.21
C GLU B 47 -17.06 -14.01 33.78
N ASP B 48 -16.49 -13.54 34.89
CA ASP B 48 -16.99 -12.35 35.56
C ASP B 48 -16.95 -11.06 34.74
N ILE B 49 -15.79 -10.75 34.18
CA ILE B 49 -15.68 -9.55 33.39
C ILE B 49 -16.46 -9.73 32.08
N LEU B 50 -16.60 -10.97 31.62
CA LEU B 50 -17.36 -11.21 30.40
C LEU B 50 -18.80 -10.80 30.59
N LYS B 51 -19.32 -11.00 31.80
CA LYS B 51 -20.70 -10.64 32.10
C LYS B 51 -20.87 -9.14 32.08
N SER B 52 -19.75 -8.44 32.06
CA SER B 52 -19.76 -6.98 32.05
C SER B 52 -19.91 -6.42 30.62
N ILE B 53 -19.53 -7.21 29.62
CA ILE B 53 -19.64 -6.75 28.25
C ILE B 53 -20.68 -7.51 27.41
N LEU B 54 -21.11 -8.67 27.91
CA LEU B 54 -22.11 -9.50 27.24
C LEU B 54 -23.32 -9.65 28.13
N ASN B 55 -24.52 -9.49 27.60
CA ASN B 55 -25.65 -9.70 28.47
C ASN B 55 -26.51 -10.79 27.92
N ILE B 56 -25.90 -11.98 27.84
CA ILE B 56 -26.52 -13.20 27.34
C ILE B 56 -25.92 -14.38 28.11
N GLU B 57 -26.52 -15.55 27.95
CA GLU B 57 -26.00 -16.75 28.62
C GLU B 57 -24.82 -17.27 27.80
N PHE B 58 -23.78 -17.74 28.47
CA PHE B 58 -22.62 -18.28 27.78
C PHE B 58 -21.89 -19.21 28.74
N GLU B 59 -20.90 -19.91 28.23
CA GLU B 59 -20.10 -20.83 29.02
C GLU B 59 -18.72 -20.82 28.38
N LEU B 60 -17.68 -20.85 29.21
CA LEU B 60 -16.32 -20.93 28.71
C LEU B 60 -16.10 -22.44 28.58
N VAL B 61 -15.76 -22.90 27.38
CA VAL B 61 -15.58 -24.31 27.15
C VAL B 61 -14.23 -24.62 26.52
N ASP B 62 -13.59 -25.70 26.98
CA ASP B 62 -12.34 -26.10 26.36
C ASP B 62 -12.78 -27.12 25.33
N LYS B 63 -12.56 -26.81 24.06
CA LYS B 63 -12.95 -27.71 22.98
C LYS B 63 -11.82 -27.84 21.95
N GLU B 64 -11.51 -29.07 21.56
CA GLU B 64 -10.45 -29.32 20.58
C GLU B 64 -11.02 -29.06 19.18
N LEU B 65 -10.39 -28.14 18.42
CA LEU B 65 -10.87 -27.78 17.06
C LEU B 65 -9.88 -27.45 15.90
N GLU B 66 -10.34 -26.61 14.96
CA GLU B 66 -9.60 -26.25 13.72
C GLU B 66 -8.86 -24.90 13.53
N GLU B 67 -7.61 -24.99 13.07
CA GLU B 67 -6.75 -23.83 12.85
C GLU B 67 -6.62 -23.33 11.40
N LYS B 68 -5.59 -22.51 11.18
CA LYS B 68 -5.25 -21.94 9.87
C LYS B 68 -3.74 -21.69 9.81
N PHE B 76 7.72 -18.39 12.63
CA PHE B 76 8.17 -18.23 14.01
C PHE B 76 6.99 -18.37 14.96
N ARG B 77 5.99 -17.52 14.76
CA ARG B 77 4.77 -17.50 15.56
C ARG B 77 4.59 -18.76 16.39
N GLU B 78 4.73 -19.93 15.74
CA GLU B 78 4.59 -21.21 16.41
C GLU B 78 5.62 -21.30 17.55
N ILE B 79 6.85 -21.69 17.22
CA ILE B 79 7.93 -21.79 18.21
C ILE B 79 7.68 -22.88 19.22
N ILE B 80 6.42 -23.29 19.34
CA ILE B 80 6.01 -24.33 20.27
C ILE B 80 6.78 -24.33 21.58
N GLY B 91 7.56 -21.49 31.97
CA GLY B 91 8.17 -21.68 30.66
C GLY B 91 8.84 -20.42 30.13
N LEU B 92 8.67 -19.32 30.85
CA LEU B 92 9.22 -17.98 30.55
C LEU B 92 9.65 -17.61 29.11
N ILE B 93 8.65 -17.41 28.25
CA ILE B 93 8.81 -17.03 26.85
C ILE B 93 7.39 -16.77 26.35
N SER B 94 7.20 -15.77 25.50
CA SER B 94 5.86 -15.46 25.00
C SER B 94 5.64 -15.87 23.56
N LEU B 95 4.39 -16.19 23.22
CA LEU B 95 4.05 -16.55 21.85
C LEU B 95 3.74 -15.25 21.15
N SER B 96 3.47 -14.23 21.97
CA SER B 96 3.17 -12.90 21.47
C SER B 96 4.41 -12.01 21.54
N TYR B 97 4.71 -11.38 20.41
CA TYR B 97 5.86 -10.51 20.30
C TYR B 97 5.36 -9.17 19.77
N ASP B 98 6.21 -8.15 19.83
CA ASP B 98 5.81 -6.85 19.35
C ASP B 98 6.56 -6.45 18.09
N VAL B 99 5.83 -5.87 17.15
CA VAL B 99 6.45 -5.41 15.93
C VAL B 99 6.20 -3.92 15.78
N VAL B 100 7.16 -3.13 16.23
CA VAL B 100 7.08 -1.69 16.13
C VAL B 100 7.86 -1.35 14.87
N GLY B 101 7.16 -1.01 13.81
CA GLY B 101 7.84 -0.68 12.57
C GLY B 101 8.62 -1.86 12.04
N ASP B 102 9.93 -1.66 11.83
CA ASP B 102 10.86 -2.67 11.30
C ASP B 102 11.48 -3.57 12.35
N LEU B 103 11.20 -3.32 13.62
CA LEU B 103 11.79 -4.10 14.68
C LEU B 103 10.86 -5.08 15.36
N VAL B 104 11.46 -6.14 15.89
CA VAL B 104 10.75 -7.17 16.60
C VAL B 104 11.30 -7.20 18.02
N ILE B 105 10.42 -7.04 19.00
CA ILE B 105 10.87 -7.12 20.38
C ILE B 105 10.28 -8.40 20.91
N LEU B 106 11.14 -9.27 21.43
CA LEU B 106 10.67 -10.53 21.96
C LEU B 106 10.61 -10.48 23.46
N GLN B 107 9.87 -11.42 24.04
CA GLN B 107 9.73 -11.52 25.48
C GLN B 107 10.42 -12.81 25.96
N ILE B 108 11.74 -12.79 25.98
CA ILE B 108 12.48 -13.96 26.41
C ILE B 108 12.93 -13.69 27.83
N SER B 109 12.68 -14.64 28.73
CA SER B 109 13.05 -14.47 30.13
C SER B 109 14.26 -13.58 30.24
N ASP B 110 14.22 -12.64 31.20
CA ASP B 110 15.30 -11.70 31.41
C ASP B 110 16.60 -12.48 31.42
N GLU B 111 17.72 -11.76 31.48
CA GLU B 111 19.04 -12.38 31.47
C GLU B 111 19.11 -13.61 32.38
N VAL B 112 18.45 -14.68 31.93
CA VAL B 112 18.36 -15.95 32.65
C VAL B 112 18.26 -17.08 31.63
N ASP B 113 19.18 -17.10 30.67
CA ASP B 113 19.22 -18.13 29.62
C ASP B 113 20.67 -18.42 29.24
N GLU B 114 21.38 -17.36 28.87
CA GLU B 114 22.78 -17.36 28.44
C GLU B 114 22.75 -16.33 27.33
N LYS B 115 23.91 -15.92 26.82
CA LYS B 115 23.89 -14.97 25.73
C LYS B 115 23.40 -15.77 24.51
N ILE B 116 22.66 -16.85 24.80
CA ILE B 116 22.08 -17.75 23.81
C ILE B 116 20.54 -17.69 23.83
N ARG B 117 20.03 -16.79 23.01
CA ARG B 117 18.60 -16.54 22.82
C ARG B 117 18.71 -15.82 21.50
N LYS B 118 19.94 -15.37 21.23
CA LYS B 118 20.26 -14.69 19.99
C LYS B 118 19.94 -15.78 18.99
N GLU B 119 19.77 -16.98 19.54
CA GLU B 119 19.42 -18.20 18.82
C GLU B 119 17.99 -18.04 18.31
N ILE B 120 17.06 -18.01 19.24
CA ILE B 120 15.66 -17.85 18.94
C ILE B 120 15.35 -16.50 18.26
N GLY B 121 16.17 -15.50 18.54
CA GLY B 121 15.97 -14.20 17.92
C GLY B 121 16.22 -14.31 16.43
N GLU B 122 17.13 -15.22 16.07
CA GLU B 122 17.45 -15.44 14.68
C GLU B 122 16.30 -16.04 13.88
N LEU B 123 15.46 -16.84 14.53
CA LEU B 123 14.34 -17.45 13.81
C LEU B 123 13.28 -16.40 13.53
N ALA B 124 13.12 -15.47 14.48
CA ALA B 124 12.17 -14.40 14.30
C ALA B 124 12.71 -13.55 13.17
N TYR B 125 14.02 -13.33 13.20
CA TYR B 125 14.67 -12.53 12.17
C TYR B 125 14.35 -13.00 10.75
N LYS B 126 14.40 -14.31 10.53
CA LYS B 126 14.13 -14.83 9.20
C LYS B 126 12.66 -15.11 8.86
N LEU B 127 11.90 -15.63 9.82
CA LEU B 127 10.49 -15.93 9.56
C LEU B 127 9.56 -14.74 9.66
N ILE B 128 9.78 -13.89 10.65
CA ILE B 128 8.97 -12.69 10.83
C ILE B 128 9.65 -11.63 9.99
N PRO B 129 8.93 -11.07 9.01
CA PRO B 129 9.53 -10.04 8.15
C PRO B 129 9.94 -8.76 8.90
N CYS B 130 11.24 -8.63 9.14
CA CYS B 130 11.76 -7.46 9.84
C CYS B 130 13.20 -7.14 9.43
N LYS B 131 13.85 -6.28 10.22
CA LYS B 131 15.22 -5.88 9.97
C LYS B 131 16.01 -5.90 11.28
N GLY B 132 15.28 -5.97 12.39
CA GLY B 132 15.90 -6.00 13.71
C GLY B 132 15.14 -6.86 14.71
N VAL B 133 15.88 -7.45 15.64
CA VAL B 133 15.29 -8.30 16.67
C VAL B 133 15.94 -8.03 18.01
N PHE B 134 15.14 -7.57 18.96
CA PHE B 134 15.65 -7.27 20.29
C PHE B 134 14.89 -8.04 21.37
N ARG B 135 15.38 -7.91 22.59
CA ARG B 135 14.79 -8.58 23.72
C ARG B 135 14.78 -7.58 24.86
N ARG B 136 13.66 -7.47 25.54
CA ARG B 136 13.60 -6.56 26.68
C ARG B 136 14.28 -7.23 27.86
N LYS B 137 15.18 -6.51 28.52
CA LYS B 137 15.84 -7.07 29.68
C LYS B 137 14.88 -7.03 30.86
N VAL B 146 12.43 3.31 31.36
CA VAL B 146 12.01 2.36 30.33
C VAL B 146 13.01 1.21 30.16
N ARG B 147 12.47 0.01 30.08
CA ARG B 147 13.25 -1.22 29.96
C ARG B 147 14.44 -1.19 28.98
N GLU B 148 15.56 -1.78 29.39
CA GLU B 148 16.77 -1.83 28.57
C GLU B 148 16.76 -3.02 27.60
N LEU B 149 17.18 -2.75 26.38
CA LEU B 149 17.19 -3.76 25.32
C LEU B 149 18.45 -4.58 25.17
N GLU B 150 18.26 -5.76 24.57
CA GLU B 150 19.36 -6.65 24.27
C GLU B 150 19.24 -6.99 22.80
N HIS B 151 20.26 -6.61 22.04
CA HIS B 151 20.27 -6.90 20.61
C HIS B 151 20.41 -8.41 20.45
N LEU B 152 19.62 -9.01 19.55
CA LEU B 152 19.68 -10.46 19.35
C LEU B 152 19.89 -10.93 17.93
N ALA B 153 19.50 -10.12 16.94
CA ALA B 153 19.66 -10.53 15.54
C ALA B 153 19.44 -9.35 14.59
N GLY B 154 19.74 -9.55 13.30
CA GLY B 154 19.57 -8.47 12.34
C GLY B 154 20.33 -7.22 12.76
N GLU B 155 19.80 -6.05 12.40
CA GLU B 155 20.43 -4.76 12.75
C GLU B 155 20.33 -4.33 14.22
N ASN B 156 21.29 -3.52 14.66
CA ASN B 156 21.30 -3.02 16.04
C ASN B 156 20.81 -1.57 16.05
N ARG B 157 19.72 -1.33 15.34
CA ARG B 157 19.11 -0.02 15.25
C ARG B 157 17.80 -0.02 16.05
N THR B 158 17.59 1.01 16.87
CA THR B 158 16.37 1.09 17.66
C THR B 158 15.43 2.23 17.22
N LEU B 159 15.84 3.01 16.23
CA LEU B 159 14.98 4.09 15.72
C LEU B 159 14.34 3.55 14.47
N THR B 160 13.04 3.81 14.30
CA THR B 160 12.30 3.30 13.15
C THR B 160 10.99 4.05 13.06
N ILE B 161 10.19 3.70 12.06
CA ILE B 161 8.90 4.31 11.90
C ILE B 161 7.82 3.21 11.92
N HIS B 162 6.72 3.48 12.61
CA HIS B 162 5.61 2.53 12.72
C HIS B 162 4.39 3.09 12.01
N LYS B 163 3.78 2.30 11.12
CA LYS B 163 2.59 2.75 10.39
C LYS B 163 1.32 2.29 11.11
N GLU B 164 0.31 3.15 11.20
CA GLU B 164 -0.92 2.77 11.87
C GLU B 164 -2.05 3.79 11.62
N ASN B 165 -3.22 3.26 11.31
CA ASN B 165 -4.42 4.08 11.07
C ASN B 165 -4.22 5.20 10.04
N GLY B 166 -3.40 4.94 9.03
CA GLY B 166 -3.16 5.92 8.00
C GLY B 166 -2.13 7.00 8.29
N TYR B 167 -1.50 6.96 9.48
CA TYR B 167 -0.46 7.92 9.84
C TYR B 167 0.82 7.19 10.18
N ARG B 168 1.89 7.94 10.42
CA ARG B 168 3.19 7.34 10.72
C ARG B 168 3.77 7.90 12.01
N LEU B 169 4.55 7.08 12.71
CA LEU B 169 5.14 7.52 13.97
C LEU B 169 6.59 7.13 14.15
N TRP B 170 7.44 8.12 14.37
CA TRP B 170 8.85 7.85 14.65
C TRP B 170 8.88 7.26 16.07
N VAL B 171 9.57 6.14 16.23
CA VAL B 171 9.65 5.51 17.54
C VAL B 171 11.07 5.02 17.76
N ASP B 172 11.60 5.25 18.96
CA ASP B 172 12.93 4.74 19.33
C ASP B 172 12.65 3.86 20.54
N ILE B 173 12.57 2.56 20.29
CA ILE B 173 12.25 1.57 21.33
C ILE B 173 13.20 1.50 22.52
N ALA B 174 14.37 2.12 22.41
CA ALA B 174 15.33 2.11 23.49
C ALA B 174 15.16 3.31 24.42
N LYS B 175 14.41 4.32 23.97
CA LYS B 175 14.27 5.51 24.79
C LYS B 175 12.86 5.91 25.22
N VAL B 176 11.85 5.39 24.53
CA VAL B 176 10.47 5.71 24.89
C VAL B 176 9.57 4.48 24.94
N TYR B 177 8.43 4.60 25.61
CA TYR B 177 7.48 3.51 25.70
C TYR B 177 6.59 3.61 24.45
N PHE B 178 6.27 2.49 23.82
CA PHE B 178 5.34 2.54 22.70
C PHE B 178 4.73 1.18 22.51
N SER B 179 3.41 1.13 22.40
CA SER B 179 2.74 -0.14 22.21
C SER B 179 1.97 -0.17 20.90
N PRO B 180 2.42 -0.99 19.96
CA PRO B 180 1.69 -1.06 18.70
C PRO B 180 0.34 -1.70 18.98
N ARG B 181 0.24 -2.45 20.08
CA ARG B 181 -1.02 -3.09 20.44
C ARG B 181 -2.18 -2.12 20.75
N LEU B 182 -1.86 -0.85 20.96
CA LEU B 182 -2.89 0.14 21.25
C LEU B 182 -3.46 0.79 19.99
N GLY B 183 -3.14 0.25 18.82
CA GLY B 183 -3.63 0.83 17.59
C GLY B 183 -5.14 0.93 17.45
N GLY B 184 -5.85 -0.14 17.81
CA GLY B 184 -7.30 -0.10 17.67
C GLY B 184 -7.90 0.92 18.62
N GLU B 185 -7.30 0.98 19.81
CA GLU B 185 -7.78 1.91 20.81
C GLU B 185 -7.57 3.32 20.28
N ARG B 186 -6.44 3.55 19.61
CA ARG B 186 -6.19 4.88 19.05
C ARG B 186 -7.18 5.18 17.96
N ALA B 187 -7.54 4.15 17.20
CA ALA B 187 -8.51 4.32 16.13
C ALA B 187 -9.86 4.62 16.72
N ARG B 188 -10.17 4.02 17.88
CA ARG B 188 -11.47 4.24 18.51
C ARG B 188 -11.64 5.71 18.87
N ILE B 189 -10.61 6.32 19.44
CA ILE B 189 -10.68 7.71 19.82
C ILE B 189 -10.64 8.67 18.62
N MSE B 190 -9.82 8.34 17.65
CA MSE B 190 -9.70 9.16 16.47
C MSE B 190 -11.06 9.44 15.82
O MSE B 190 -11.39 10.60 15.54
CB MSE B 190 -8.79 8.44 15.48
CG MSE B 190 -8.84 8.95 14.06
SE MSE B 190 -7.67 7.89 12.92
CE MSE B 190 -6.33 9.28 12.58
N LYS B 191 -11.86 8.41 15.59
CA LYS B 191 -13.16 8.61 14.96
C LYS B 191 -14.13 9.40 15.80
N LYS B 192 -13.85 9.53 17.09
CA LYS B 192 -14.72 10.29 18.00
C LYS B 192 -14.46 11.79 18.02
N VAL B 193 -13.30 12.21 17.52
CA VAL B 193 -12.95 13.63 17.56
C VAL B 193 -13.72 14.50 16.58
N SER B 194 -14.18 15.65 17.06
CA SER B 194 -14.93 16.62 16.25
C SER B 194 -13.99 17.78 15.90
N LEU B 195 -14.22 18.42 14.75
CA LEU B 195 -13.38 19.53 14.29
C LEU B 195 -13.20 20.67 15.28
N ASN B 196 -14.17 20.85 16.16
CA ASN B 196 -14.11 21.93 17.13
C ASN B 196 -13.50 21.52 18.48
N ASP B 197 -13.03 20.28 18.58
CA ASP B 197 -12.45 19.79 19.83
C ASP B 197 -11.07 20.34 20.17
N VAL B 198 -10.85 20.62 21.44
CA VAL B 198 -9.52 21.01 21.91
C VAL B 198 -9.13 19.84 22.81
N VAL B 199 -8.17 19.05 22.33
CA VAL B 199 -7.70 17.85 23.01
C VAL B 199 -6.43 18.01 23.84
N VAL B 200 -6.46 17.47 25.06
CA VAL B 200 -5.31 17.50 25.94
C VAL B 200 -4.83 16.07 26.18
N ASP B 201 -3.66 15.76 25.61
CA ASP B 201 -3.05 14.43 25.72
C ASP B 201 -2.04 14.54 26.86
N MSE B 202 -2.50 14.25 28.07
CA MSE B 202 -1.69 14.34 29.29
C MSE B 202 -0.38 13.55 29.32
O MSE B 202 0.61 14.01 29.89
CB MSE B 202 -2.52 13.95 30.51
CG MSE B 202 -3.70 14.91 30.76
SE MSE B 202 -4.82 14.40 32.30
CE MSE B 202 -3.53 14.71 33.78
N PHE B 203 -0.39 12.37 28.72
CA PHE B 203 0.81 11.53 28.68
C PHE B 203 0.98 11.10 27.23
N ALA B 204 1.50 12.02 26.42
CA ALA B 204 1.64 11.84 24.98
C ALA B 204 2.67 10.87 24.40
N GLY B 205 3.76 10.63 25.10
CA GLY B 205 4.80 9.78 24.53
C GLY B 205 5.26 10.45 23.22
N VAL B 206 5.40 9.68 22.16
CA VAL B 206 5.83 10.24 20.88
C VAL B 206 4.63 10.87 20.15
N GLY B 207 3.50 10.92 20.84
CA GLY B 207 2.29 11.49 20.26
C GLY B 207 1.30 10.57 19.54
N PRO B 208 1.33 9.24 19.71
CA PRO B 208 0.33 8.45 18.97
C PRO B 208 -1.12 8.93 19.05
N PHE B 209 -1.63 9.21 20.24
CA PHE B 209 -3.01 9.69 20.39
C PHE B 209 -3.17 11.12 19.83
N SER B 210 -2.17 11.97 20.03
CA SER B 210 -2.26 13.34 19.52
C SER B 210 -2.38 13.33 17.98
N ILE B 211 -1.61 12.49 17.32
CA ILE B 211 -1.66 12.39 15.87
C ILE B 211 -3.00 11.81 15.40
N ALA B 212 -3.53 10.86 16.17
CA ALA B 212 -4.81 10.25 15.83
C ALA B 212 -5.95 11.25 15.98
N CYS B 213 -5.77 12.25 16.84
CA CYS B 213 -6.77 13.28 17.06
C CYS B 213 -6.57 14.46 16.11
N LYS B 214 -5.92 14.21 14.97
CA LYS B 214 -5.64 15.24 13.97
C LYS B 214 -6.86 16.01 13.50
N ASN B 215 -8.02 15.42 13.64
CA ASN B 215 -9.21 16.08 13.17
C ASN B 215 -9.64 17.24 14.07
N ALA B 216 -9.00 17.37 15.22
CA ALA B 216 -9.37 18.42 16.15
C ALA B 216 -8.83 19.77 15.76
N LYS B 217 -9.39 20.81 16.37
CA LYS B 217 -8.99 22.17 16.11
C LYS B 217 -7.60 22.46 16.71
N LYS B 218 -7.36 21.97 17.92
CA LYS B 218 -6.07 22.18 18.58
C LYS B 218 -5.81 21.02 19.52
N ILE B 219 -4.52 20.66 19.66
CA ILE B 219 -4.13 19.57 20.53
C ILE B 219 -2.87 19.87 21.35
N TYR B 220 -2.96 19.74 22.68
CA TYR B 220 -1.80 19.94 23.56
C TYR B 220 -1.24 18.56 23.92
N ALA B 221 -0.05 18.25 23.41
CA ALA B 221 0.63 16.98 23.66
C ALA B 221 1.70 17.19 24.73
N ILE B 222 1.47 16.58 25.90
CA ILE B 222 2.35 16.70 27.06
C ILE B 222 3.07 15.42 27.44
N ASP B 223 4.32 15.55 27.86
CA ASP B 223 5.12 14.44 28.34
C ASP B 223 6.31 14.97 29.12
N ILE B 224 6.70 14.21 30.14
CA ILE B 224 7.80 14.58 31.01
C ILE B 224 9.15 14.02 30.54
N ASN B 225 9.10 13.15 29.54
CA ASN B 225 10.29 12.54 28.96
C ASN B 225 10.77 13.42 27.78
N PRO B 226 11.95 14.05 27.90
CA PRO B 226 12.51 14.90 26.84
C PRO B 226 12.65 14.20 25.49
N HIS B 227 13.11 12.95 25.49
CA HIS B 227 13.29 12.23 24.25
C HIS B 227 11.91 11.96 23.61
N ALA B 228 10.89 11.74 24.45
CA ALA B 228 9.56 11.50 23.92
C ALA B 228 9.11 12.79 23.22
N ILE B 229 9.36 13.93 23.86
CA ILE B 229 8.97 15.20 23.27
C ILE B 229 9.68 15.46 21.96
N GLU B 230 10.93 15.02 21.86
CA GLU B 230 11.71 15.17 20.65
C GLU B 230 11.09 14.34 19.52
N LEU B 231 10.77 13.08 19.83
CA LEU B 231 10.15 12.22 18.81
C LEU B 231 8.76 12.79 18.47
N LEU B 232 8.09 13.35 19.48
CA LEU B 232 6.77 13.97 19.26
C LEU B 232 6.88 15.04 18.17
N LYS B 233 7.88 15.93 18.29
CA LYS B 233 8.08 16.99 17.30
C LYS B 233 8.38 16.45 15.90
N LYS B 234 9.18 15.40 15.82
CA LYS B 234 9.47 14.81 14.52
C LYS B 234 8.19 14.29 13.89
N ASN B 235 7.30 13.72 14.73
CA ASN B 235 6.05 13.19 14.25
C ASN B 235 5.05 14.27 13.91
N ILE B 236 5.06 15.37 14.66
CA ILE B 236 4.16 16.48 14.35
C ILE B 236 4.47 16.95 12.92
N LYS B 237 5.76 17.01 12.57
CA LYS B 237 6.13 17.45 11.23
C LYS B 237 5.89 16.37 10.20
N LEU B 238 6.31 15.14 10.52
CA LEU B 238 6.13 14.01 9.61
C LEU B 238 4.71 13.83 9.12
N ASN B 239 3.73 14.23 9.93
CA ASN B 239 2.31 14.11 9.57
C ASN B 239 1.71 15.45 9.24
N LYS B 240 2.56 16.48 9.19
CA LYS B 240 2.13 17.83 8.85
C LYS B 240 1.08 18.41 9.76
N LEU B 241 1.29 18.29 11.07
CA LEU B 241 0.31 18.86 11.98
C LEU B 241 0.90 19.99 12.85
N GLU B 242 1.82 20.75 12.26
CA GLU B 242 2.49 21.87 12.94
C GLU B 242 1.55 23.01 13.31
N HIS B 243 0.32 22.95 12.85
CA HIS B 243 -0.62 24.01 13.19
C HIS B 243 -1.82 23.49 13.95
N LYS B 244 -1.64 22.31 14.53
CA LYS B 244 -2.68 21.66 15.32
C LYS B 244 -2.15 21.19 16.68
N ILE B 245 -1.02 20.48 16.67
CA ILE B 245 -0.42 19.95 17.89
C ILE B 245 0.64 20.85 18.51
N ILE B 246 0.53 21.04 19.83
CA ILE B 246 1.49 21.86 20.58
C ILE B 246 2.26 21.01 21.59
N PRO B 247 3.55 20.75 21.32
CA PRO B 247 4.39 19.94 22.21
C PRO B 247 4.71 20.61 23.55
N ILE B 248 4.62 19.87 24.64
CA ILE B 248 4.91 20.43 25.96
C ILE B 248 5.66 19.49 26.89
N LEU B 249 6.93 19.84 27.15
CA LEU B 249 7.82 19.08 28.03
C LEU B 249 7.51 19.54 29.44
N SER B 250 7.00 18.62 30.26
CA SER B 250 6.64 18.97 31.63
C SER B 250 5.90 17.85 32.37
N ASP B 251 5.92 17.90 33.70
CA ASP B 251 5.15 16.96 34.50
C ASP B 251 3.78 17.57 34.23
N VAL B 252 2.84 16.78 33.74
CA VAL B 252 1.53 17.32 33.43
C VAL B 252 0.87 18.09 34.58
N ARG B 253 1.17 17.75 35.83
CA ARG B 253 0.59 18.43 36.98
C ARG B 253 0.91 19.92 36.99
N GLU B 254 1.99 20.32 36.34
CA GLU B 254 2.40 21.72 36.31
C GLU B 254 1.97 22.48 35.05
N VAL B 255 1.16 21.84 34.20
CA VAL B 255 0.71 22.49 32.96
C VAL B 255 -0.67 23.07 33.14
N ASP B 256 -0.84 24.34 32.79
CA ASP B 256 -2.16 24.96 32.89
C ASP B 256 -2.78 25.08 31.52
N VAL B 257 -3.59 24.09 31.20
CA VAL B 257 -4.26 24.02 29.92
C VAL B 257 -5.71 23.58 30.11
N LYS B 258 -6.57 23.88 29.14
CA LYS B 258 -7.98 23.50 29.20
C LYS B 258 -8.38 22.83 27.89
N GLY B 259 -9.36 21.93 27.97
CA GLY B 259 -9.81 21.27 26.77
C GLY B 259 -11.11 20.56 27.05
N ASN B 260 -11.72 20.01 26.00
CA ASN B 260 -12.99 19.32 26.13
C ASN B 260 -12.81 17.82 25.85
N ARG B 261 -11.56 17.39 25.69
CA ARG B 261 -11.25 16.00 25.46
C ARG B 261 -9.84 15.74 26.02
N VAL B 262 -9.83 15.01 27.13
CA VAL B 262 -8.63 14.70 27.89
C VAL B 262 -8.30 13.21 27.86
N ILE B 263 -7.09 12.91 27.42
CA ILE B 263 -6.64 11.52 27.31
C ILE B 263 -5.65 11.20 28.44
N MSE B 264 -5.91 10.12 29.19
CA MSE B 264 -5.05 9.73 30.32
C MSE B 264 -4.44 8.35 30.13
O MSE B 264 -4.68 7.45 30.92
CB MSE B 264 -5.84 9.73 31.62
CG MSE B 264 -6.60 10.99 31.85
SE MSE B 264 -7.52 10.90 33.60
CE MSE B 264 -5.95 10.89 34.75
N ASN B 265 -3.63 8.20 29.10
CA ASN B 265 -2.99 6.92 28.77
C ASN B 265 -1.77 6.54 29.65
N LEU B 266 -2.03 6.25 30.92
CA LEU B 266 -1.00 5.90 31.91
C LEU B 266 -1.69 4.86 32.81
N PRO B 267 -2.03 3.70 32.24
CA PRO B 267 -2.74 2.64 32.98
C PRO B 267 -2.35 2.33 34.43
N LYS B 268 -1.06 2.19 34.70
CA LYS B 268 -0.68 1.87 36.07
C LYS B 268 -0.94 3.01 37.04
N PHE B 269 -0.71 4.25 36.62
CA PHE B 269 -0.87 5.38 37.54
C PHE B 269 -1.91 6.45 37.30
N ALA B 270 -2.72 6.29 36.26
CA ALA B 270 -3.72 7.31 35.95
C ALA B 270 -4.63 7.73 37.11
N HIS B 271 -5.01 6.79 37.97
CA HIS B 271 -5.87 7.13 39.13
C HIS B 271 -5.29 8.25 40.00
N LYS B 272 -3.96 8.40 40.00
CA LYS B 272 -3.32 9.46 40.78
C LYS B 272 -3.45 10.83 40.08
N PHE B 273 -3.99 10.85 38.88
CA PHE B 273 -4.06 12.10 38.15
C PHE B 273 -5.44 12.64 37.84
N ILE B 274 -6.47 11.92 38.25
CA ILE B 274 -7.85 12.32 38.03
C ILE B 274 -8.15 13.76 38.47
N ASP B 275 -7.67 14.17 39.63
CA ASP B 275 -7.94 15.53 40.09
C ASP B 275 -7.38 16.57 39.10
N LYS B 276 -6.21 16.29 38.54
CA LYS B 276 -5.62 17.22 37.58
C LYS B 276 -6.44 17.19 36.29
N ALA B 277 -6.82 15.98 35.86
CA ALA B 277 -7.59 15.85 34.62
C ALA B 277 -8.92 16.57 34.77
N LEU B 278 -9.48 16.51 35.97
CA LEU B 278 -10.76 17.19 36.22
C LEU B 278 -10.55 18.70 36.15
N ASP B 279 -9.34 19.16 36.49
CA ASP B 279 -9.06 20.59 36.44
C ASP B 279 -8.89 21.01 34.96
N ILE B 280 -8.31 20.14 34.15
CA ILE B 280 -8.13 20.44 32.72
C ILE B 280 -9.44 20.42 31.91
N VAL B 281 -10.25 19.40 32.14
CA VAL B 281 -11.47 19.26 31.36
C VAL B 281 -12.50 20.37 31.60
N GLU B 282 -13.23 20.73 30.55
CA GLU B 282 -14.24 21.75 30.68
C GLU B 282 -15.57 21.02 30.87
N GLU B 283 -16.50 21.64 31.60
CA GLU B 283 -17.80 21.03 31.86
C GLU B 283 -18.44 20.51 30.58
N GLY B 284 -19.02 19.32 30.64
CA GLY B 284 -19.64 18.72 29.47
C GLY B 284 -18.59 18.09 28.58
N GLY B 285 -17.35 18.08 29.07
CA GLY B 285 -16.27 17.50 28.29
C GLY B 285 -16.10 16.00 28.50
N VAL B 286 -15.10 15.41 27.83
CA VAL B 286 -14.84 13.99 27.96
C VAL B 286 -13.41 13.63 28.41
N ILE B 287 -13.34 12.63 29.28
CA ILE B 287 -12.06 12.14 29.79
C ILE B 287 -11.93 10.67 29.39
N HIS B 288 -10.90 10.35 28.62
CA HIS B 288 -10.62 8.96 28.23
C HIS B 288 -9.61 8.40 29.25
N TYR B 289 -10.11 7.59 30.17
CA TYR B 289 -9.32 7.01 31.24
C TYR B 289 -8.85 5.59 30.94
N TYR B 290 -7.62 5.28 31.35
CA TYR B 290 -7.04 3.95 31.21
C TYR B 290 -6.53 3.53 32.58
N THR B 291 -6.76 2.27 32.92
CA THR B 291 -6.35 1.74 34.20
C THR B 291 -6.21 0.25 34.08
N ILE B 292 -5.74 -0.37 35.15
CA ILE B 292 -5.62 -1.80 35.21
C ILE B 292 -6.60 -2.24 36.27
N GLY B 293 -7.29 -3.34 36.00
CA GLY B 293 -8.24 -3.83 36.98
C GLY B 293 -8.73 -5.20 36.59
N LYS B 294 -9.47 -5.82 37.51
CA LYS B 294 -10.04 -7.15 37.25
C LYS B 294 -11.36 -6.89 36.51
N ASP B 295 -11.93 -5.71 36.75
CA ASP B 295 -13.16 -5.30 36.11
C ASP B 295 -13.25 -3.76 36.13
N PHE B 296 -14.37 -3.24 35.62
CA PHE B 296 -14.58 -1.80 35.53
C PHE B 296 -15.07 -1.10 36.80
N ASP B 297 -15.56 -1.87 37.76
CA ASP B 297 -16.14 -1.27 38.96
C ASP B 297 -15.30 -0.30 39.78
N LYS B 298 -14.04 -0.63 40.00
CA LYS B 298 -13.19 0.26 40.78
C LYS B 298 -13.07 1.63 40.16
N ALA B 299 -12.73 1.68 38.87
CA ALA B 299 -12.55 2.96 38.20
C ALA B 299 -13.84 3.77 38.17
N ILE B 300 -14.96 3.10 37.98
CA ILE B 300 -16.23 3.82 37.92
C ILE B 300 -16.59 4.48 39.27
N LYS B 301 -16.43 3.74 40.37
CA LYS B 301 -16.72 4.28 41.71
C LYS B 301 -15.77 5.42 41.99
N LEU B 302 -14.51 5.21 41.65
CA LEU B 302 -13.47 6.21 41.84
C LEU B 302 -13.91 7.53 41.20
N PHE B 303 -14.45 7.45 39.98
CA PHE B 303 -14.87 8.67 39.31
C PHE B 303 -16.16 9.26 39.87
N GLU B 304 -17.13 8.41 40.23
CA GLU B 304 -18.39 8.91 40.79
C GLU B 304 -18.11 9.69 42.08
N LYS B 305 -17.16 9.18 42.85
CA LYS B 305 -16.76 9.80 44.09
C LYS B 305 -16.18 11.19 43.90
N LYS B 306 -15.45 11.39 42.79
CA LYS B 306 -14.79 12.66 42.51
C LYS B 306 -15.60 13.69 41.73
N CYS B 307 -16.66 13.25 41.05
CA CYS B 307 -17.48 14.19 40.30
C CYS B 307 -18.79 13.62 39.78
N ASP B 308 -19.56 14.46 39.10
CA ASP B 308 -20.83 14.09 38.53
C ASP B 308 -20.55 13.68 37.09
N CYS B 309 -20.36 12.38 36.88
CA CYS B 309 -20.04 11.86 35.55
C CYS B 309 -21.02 10.84 35.01
N GLU B 310 -20.75 10.44 33.78
CA GLU B 310 -21.55 9.45 33.09
C GLU B 310 -20.61 8.61 32.22
N VAL B 311 -20.66 7.29 32.39
CA VAL B 311 -19.82 6.41 31.58
C VAL B 311 -20.44 6.32 30.20
N LEU B 312 -19.75 6.83 29.18
CA LEU B 312 -20.28 6.78 27.83
C LEU B 312 -19.96 5.47 27.12
N GLU B 313 -18.81 4.90 27.45
CA GLU B 313 -18.35 3.68 26.80
C GLU B 313 -17.21 3.10 27.65
N LYS B 314 -17.00 1.80 27.55
CA LYS B 314 -15.91 1.16 28.26
C LYS B 314 -15.42 0.07 27.36
N ARG B 315 -14.20 -0.37 27.58
CA ARG B 315 -13.65 -1.39 26.72
C ARG B 315 -12.46 -2.07 27.36
N ILE B 316 -12.30 -3.36 27.08
CA ILE B 316 -11.13 -4.08 27.57
C ILE B 316 -10.11 -3.80 26.47
N VAL B 317 -8.94 -3.29 26.82
CA VAL B 317 -7.90 -2.99 25.82
C VAL B 317 -7.01 -4.19 25.51
N LYS B 318 -6.42 -4.79 26.53
CA LYS B 318 -5.57 -5.94 26.34
C LYS B 318 -5.31 -6.60 27.68
N SER B 319 -4.55 -7.70 27.67
CA SER B 319 -4.21 -8.40 28.89
C SER B 319 -3.02 -7.73 29.57
N TYR B 320 -2.94 -7.90 30.89
CA TYR B 320 -1.87 -7.36 31.72
C TYR B 320 -1.23 -8.53 32.48
N ALA B 321 -2.09 -9.22 33.24
CA ALA B 321 -1.74 -10.37 34.06
C ALA B 321 -3.07 -11.10 34.31
N PRO B 322 -3.03 -12.40 34.61
CA PRO B 322 -4.26 -13.18 34.86
C PRO B 322 -5.33 -12.46 35.70
N ARG B 323 -6.54 -12.38 35.15
CA ARG B 323 -7.67 -11.71 35.80
C ARG B 323 -7.40 -10.20 35.95
N GLU B 324 -6.42 -9.71 35.21
CA GLU B 324 -6.06 -8.30 35.22
C GLU B 324 -5.96 -7.78 33.81
N TYR B 325 -6.65 -6.69 33.55
CA TYR B 325 -6.65 -6.16 32.20
C TYR B 325 -6.43 -4.67 32.20
N ILE B 326 -5.97 -4.18 31.05
CA ILE B 326 -5.83 -2.75 30.82
C ILE B 326 -7.25 -2.37 30.40
N LEU B 327 -7.89 -1.45 31.09
CA LEU B 327 -9.23 -1.08 30.72
C LEU B 327 -9.33 0.37 30.29
N ALA B 328 -10.28 0.61 29.39
CA ALA B 328 -10.53 1.98 28.91
C ALA B 328 -11.97 2.36 29.25
N LEU B 329 -12.14 3.58 29.77
CA LEU B 329 -13.46 4.08 30.11
C LEU B 329 -13.60 5.56 29.74
N ASP B 330 -14.67 5.90 29.02
CA ASP B 330 -14.93 7.28 28.65
C ASP B 330 -15.99 7.86 29.58
N PHE B 331 -15.60 8.87 30.37
CA PHE B 331 -16.49 9.53 31.32
C PHE B 331 -16.89 10.93 30.84
N LYS B 332 -18.20 11.17 30.72
CA LYS B 332 -18.65 12.49 30.34
C LYS B 332 -18.70 13.23 31.68
N ILE B 333 -18.03 14.37 31.75
CA ILE B 333 -17.99 15.13 32.99
C ILE B 333 -19.11 16.15 32.91
N ASN B 334 -20.20 15.84 33.60
CA ASN B 334 -21.38 16.69 33.61
C ASN B 334 -21.32 17.89 34.53
N LYS B 335 -20.97 17.70 35.79
CA LYS B 335 -20.90 18.87 36.65
C LYS B 335 -19.57 19.03 37.32
N LYS B 336 -19.08 20.27 37.30
CA LYS B 336 -17.82 20.63 37.90
C LYS B 336 -18.03 21.93 38.70
ZN ZN C . -13.36 -4.08 -39.62
ZN ZN D . 6.06 -7.94 -52.55
ZN ZN E . 15.06 -20.63 -21.57
ZN ZN F . -2.84 -6.45 -25.06
N SFG G . 1.24 -5.42 -30.35
CA SFG G . 0.06 -4.53 -30.38
C SFG G . 0.51 -3.07 -30.30
O SFG G . 1.74 -2.85 -30.19
OXT SFG G . -0.40 -2.21 -30.36
CB SFG G . -0.84 -4.86 -29.19
CG SFG G . -1.30 -6.32 -29.22
CD SFG G . -2.21 -6.59 -28.03
NE SFG G . -1.52 -6.19 -26.79
C5' SFG G . -2.54 -8.08 -27.93
C4' SFG G . -3.18 -8.58 -29.23
O4' SFG G . -3.17 -10.02 -29.20
C3' SFG G . -4.63 -8.16 -29.48
O3' SFG G . -4.69 -7.35 -30.66
C2' SFG G . -5.34 -9.49 -29.71
O2' SFG G . -6.25 -9.36 -30.81
C1' SFG G . -4.18 -10.39 -30.14
N9 SFG G . -4.46 -11.83 -29.91
C8 SFG G . -5.07 -12.34 -28.85
N7 SFG G . -5.02 -13.67 -28.90
C5 SFG G . -4.38 -14.01 -30.02
C6 SFG G . -4.03 -15.21 -30.61
N6 SFG G . -4.38 -16.37 -30.06
N1 SFG G . -3.36 -15.19 -31.77
C2 SFG G . -3.03 -14.05 -32.36
N3 SFG G . -3.35 -12.89 -31.82
C4 SFG G . -4.02 -12.83 -30.66
ZN ZN H . -27.92 -11.34 21.30
ZN ZN I . 16.69 12.64 22.73
ZN ZN J . -17.27 11.37 38.30
ZN ZN K . 2.75 3.60 29.78
ZN ZN L . -1.36 4.11 43.31
ZN ZN M . 0.10 -0.51 27.46
N SFG N . 0.29 7.98 24.89
CA SFG N . 1.56 7.32 24.48
C SFG N . 1.30 6.42 23.27
O SFG N . 0.14 6.39 22.81
OXT SFG N . 2.28 5.76 22.85
CB SFG N . 2.09 6.48 25.64
CG SFG N . 2.31 7.30 26.91
CD SFG N . 2.89 6.42 28.01
NE SFG N . 2.06 5.21 28.15
C5' SFG N . 2.90 7.16 29.35
C4' SFG N . 3.74 8.44 29.25
O4' SFG N . 3.55 9.23 30.43
C3' SFG N . 5.24 8.15 29.16
O3' SFG N . 5.74 8.69 27.93
C2' SFG N . 5.82 8.94 30.34
O2' SFG N . 7.03 9.57 29.91
C1' SFG N . 4.75 10.01 30.55
N9 SFG N . 4.73 10.61 31.90
C8 SFG N . 4.94 9.96 33.04
N7 SFG N . 4.64 10.75 34.07
C5 SFG N . 4.23 11.93 33.57
C6 SFG N . 3.83 13.13 34.13
N6 SFG N . 3.67 13.26 35.45
N1 SFG N . 3.54 14.15 33.32
C2 SFG N . 3.64 14.04 32.01
N3 SFG N . 4.02 12.90 31.45
C4 SFG N . 4.32 11.84 32.19
#